data_7YGO
# 
_entry.id   7YGO 
# 
_audit_conform.dict_name       mmcif_pdbx.dic 
_audit_conform.dict_version    5.392 
_audit_conform.dict_location   http://mmcif.pdb.org/dictionaries/ascii/mmcif_pdbx.dic 
# 
loop_
_database_2.database_id 
_database_2.database_code 
_database_2.pdbx_database_accession 
_database_2.pdbx_DOI 
PDB   7YGO         pdb_00007ygo 10.2210/pdb7ygo/pdb 
WWPDB D_1300030885 ?            ?                   
# 
loop_
_pdbx_audit_revision_history.ordinal 
_pdbx_audit_revision_history.data_content_type 
_pdbx_audit_revision_history.major_revision 
_pdbx_audit_revision_history.minor_revision 
_pdbx_audit_revision_history.revision_date 
1 'Structure model' 1 0 2023-05-24 
2 'Structure model' 1 1 2024-05-29 
# 
_pdbx_audit_revision_details.ordinal             1 
_pdbx_audit_revision_details.revision_ordinal    1 
_pdbx_audit_revision_details.data_content_type   'Structure model' 
_pdbx_audit_revision_details.provider            repository 
_pdbx_audit_revision_details.type                'Initial release' 
_pdbx_audit_revision_details.description         ? 
_pdbx_audit_revision_details.details             ? 
# 
_pdbx_audit_revision_group.ordinal             1 
_pdbx_audit_revision_group.revision_ordinal    2 
_pdbx_audit_revision_group.data_content_type   'Structure model' 
_pdbx_audit_revision_group.group               'Data collection' 
# 
loop_
_pdbx_audit_revision_category.ordinal 
_pdbx_audit_revision_category.revision_ordinal 
_pdbx_audit_revision_category.data_content_type 
_pdbx_audit_revision_category.category 
1 2 'Structure model' chem_comp_atom 
2 2 'Structure model' chem_comp_bond 
# 
_pdbx_database_status.status_code                     REL 
_pdbx_database_status.status_code_sf                  REL 
_pdbx_database_status.status_code_mr                  ? 
_pdbx_database_status.entry_id                        7YGO 
_pdbx_database_status.recvd_initial_deposition_date   2022-07-12 
_pdbx_database_status.SG_entry                        N 
_pdbx_database_status.deposit_site                    PDBJ 
_pdbx_database_status.process_site                    PDBJ 
_pdbx_database_status.status_code_cs                  ? 
_pdbx_database_status.status_code_nmr_data            ? 
_pdbx_database_status.methods_development_category    ? 
_pdbx_database_status.pdb_format_compatible           Y 
# 
_pdbx_contact_author.id                 2 
_pdbx_contact_author.email              j.kondo@sophia.ac.jp 
_pdbx_contact_author.name_first         Jiro 
_pdbx_contact_author.name_last          Kondo 
_pdbx_contact_author.name_mi            ? 
_pdbx_contact_author.role               'principal investigator/group leader' 
_pdbx_contact_author.identifier_ORCID   0000-0002-5682-3685 
# 
loop_
_audit_author.name 
_audit_author.pdbx_ordinal 
_audit_author.identifier_ORCID 
'Kondo, J.'   1 0000-0002-5682-3685 
'Torigoe, H.' 2 ?                   
'Arakawa, F.' 3 ?                   
# 
_citation.abstract                  ? 
_citation.abstract_id_CAS           ? 
_citation.book_id_ISBN              ? 
_citation.book_publisher            ? 
_citation.book_publisher_city       ? 
_citation.book_title                ? 
_citation.coordinate_linkage        ? 
_citation.country                   US 
_citation.database_id_Medline       ? 
_citation.details                   ? 
_citation.id                        primary 
_citation.journal_abbrev            J.Inorg.Biochem. 
_citation.journal_id_ASTM           JIBIDJ 
_citation.journal_id_CSD            0525 
_citation.journal_id_ISSN           0162-0134 
_citation.journal_full              ? 
_citation.journal_issue             ? 
_citation.journal_volume            241 
_citation.language                  ? 
_citation.page_first                112125 
_citation.page_last                 112125 
_citation.title                     'Specific binding of Hg 2+ to mismatched base pairs involving 5-hydroxyuracil in duplex DNA.' 
_citation.year                      2023 
_citation.database_id_CSD           ? 
_citation.pdbx_database_id_DOI      10.1016/j.jinorgbio.2023.112125 
_citation.pdbx_database_id_PubMed   36716510 
_citation.pdbx_database_id_patent   ? 
_citation.unpublished_flag          ? 
# 
loop_
_citation_author.citation_id 
_citation_author.name 
_citation_author.ordinal 
_citation_author.identifier_ORCID 
primary 'Torigoe, H.' 1 ? 
primary 'Kondo, J.'   2 ? 
primary 'Arakawa, F.' 3 ? 
# 
loop_
_entity.id 
_entity.type 
_entity.src_method 
_entity.pdbx_description 
_entity.formula_weight 
_entity.pdbx_number_of_molecules 
_entity.pdbx_ec 
_entity.pdbx_mutation 
_entity.pdbx_fragment 
_entity.details 
1 polymer     syn 
;DNA (5'-D(*GP*GP*AP*CP*CP*TP*(6HU)P*GP*GP*TP*CP*C)-3')
;
3656.351 1 ? ? ? ? 
2 non-polymer syn 'MERCURY (II) ION'                                       200.590  1 ? ? ? ? 
# 
_entity_poly.entity_id                      1 
_entity_poly.type                           polydeoxyribonucleotide 
_entity_poly.nstd_linkage                   no 
_entity_poly.nstd_monomer                   yes 
_entity_poly.pdbx_seq_one_letter_code       '(DG)(DG)(DA)(DC)(DC)(DT)(OHU)(DG)(DG)(DT)(DC)(DC)' 
_entity_poly.pdbx_seq_one_letter_code_can   GGACCTXGGTCC 
_entity_poly.pdbx_strand_id                 A 
_entity_poly.pdbx_target_identifier         ? 
# 
_pdbx_entity_nonpoly.entity_id   2 
_pdbx_entity_nonpoly.name        'MERCURY (II) ION' 
_pdbx_entity_nonpoly.comp_id     HG 
# 
loop_
_entity_poly_seq.entity_id 
_entity_poly_seq.num 
_entity_poly_seq.mon_id 
_entity_poly_seq.hetero 
1 1  DG  n 
1 2  DG  n 
1 3  DA  n 
1 4  DC  n 
1 5  DC  n 
1 6  DT  n 
1 7  OHU n 
1 8  DG  n 
1 9  DG  n 
1 10 DT  n 
1 11 DC  n 
1 12 DC  n 
# 
_pdbx_entity_src_syn.entity_id              1 
_pdbx_entity_src_syn.pdbx_src_id            1 
_pdbx_entity_src_syn.pdbx_alt_source_flag   sample 
_pdbx_entity_src_syn.pdbx_beg_seq_num       1 
_pdbx_entity_src_syn.pdbx_end_seq_num       12 
_pdbx_entity_src_syn.organism_scientific    'synthetic construct' 
_pdbx_entity_src_syn.organism_common_name   ? 
_pdbx_entity_src_syn.ncbi_taxonomy_id       32630 
_pdbx_entity_src_syn.details                ? 
# 
loop_
_chem_comp.id 
_chem_comp.type 
_chem_comp.mon_nstd_flag 
_chem_comp.name 
_chem_comp.pdbx_synonyms 
_chem_comp.formula 
_chem_comp.formula_weight 
DA  'DNA linking' y "2'-DEOXYADENOSINE-5'-MONOPHOSPHATE"                  ? 'C10 H14 N5 O6 P' 331.222 
DC  'DNA linking' y "2'-DEOXYCYTIDINE-5'-MONOPHOSPHATE"                   ? 'C9 H14 N3 O7 P'  307.197 
DG  'DNA linking' y "2'-DEOXYGUANOSINE-5'-MONOPHOSPHATE"                  ? 'C10 H14 N5 O7 P' 347.221 
DT  'DNA linking' y "THYMIDINE-5'-MONOPHOSPHATE"                          ? 'C10 H15 N2 O8 P' 322.208 
HG  non-polymer   . 'MERCURY (II) ION'                                    ? 'Hg 2'            200.590 
OHU 'DNA linking' n 
;2'-deoxy-5-hydroxyuridine 5'-(dihydrogen phosphate)
;
? 'C9 H13 N2 O9 P'  324.181 
# 
loop_
_pdbx_poly_seq_scheme.asym_id 
_pdbx_poly_seq_scheme.entity_id 
_pdbx_poly_seq_scheme.seq_id 
_pdbx_poly_seq_scheme.mon_id 
_pdbx_poly_seq_scheme.ndb_seq_num 
_pdbx_poly_seq_scheme.pdb_seq_num 
_pdbx_poly_seq_scheme.auth_seq_num 
_pdbx_poly_seq_scheme.pdb_mon_id 
_pdbx_poly_seq_scheme.auth_mon_id 
_pdbx_poly_seq_scheme.pdb_strand_id 
_pdbx_poly_seq_scheme.pdb_ins_code 
_pdbx_poly_seq_scheme.hetero 
A 1 1  DG  1  1  1  DG  DG  A . n 
A 1 2  DG  2  2  2  DG  DG  A . n 
A 1 3  DA  3  3  3  DA  DA  A . n 
A 1 4  DC  4  4  4  DC  DC  A . n 
A 1 5  DC  5  5  5  DC  DC  A . n 
A 1 6  DT  6  6  6  DT  DT  A . n 
A 1 7  OHU 7  7  7  OHU 6HU A . n 
A 1 8  DG  8  8  8  DG  DG  A . n 
A 1 9  DG  9  9  9  DG  DG  A . n 
A 1 10 DT  10 10 10 DT  DT  A . n 
A 1 11 DC  11 11 11 DC  DC  A . n 
A 1 12 DC  12 12 12 DC  DC  A . n 
# 
_pdbx_nonpoly_scheme.asym_id         B 
_pdbx_nonpoly_scheme.entity_id       2 
_pdbx_nonpoly_scheme.mon_id          HG 
_pdbx_nonpoly_scheme.ndb_seq_num     1 
_pdbx_nonpoly_scheme.pdb_seq_num     101 
_pdbx_nonpoly_scheme.auth_seq_num    1 
_pdbx_nonpoly_scheme.pdb_mon_id      HG 
_pdbx_nonpoly_scheme.auth_mon_id     HG 
_pdbx_nonpoly_scheme.pdb_strand_id   A 
_pdbx_nonpoly_scheme.pdb_ins_code    . 
# 
loop_
_software.citation_id 
_software.classification 
_software.compiler_name 
_software.compiler_version 
_software.contact_author 
_software.contact_author_email 
_software.date 
_software.description 
_software.dependencies 
_software.hardware 
_software.language 
_software.location 
_software.mods 
_software.name 
_software.os 
_software.os_version 
_software.type 
_software.version 
_software.pdbx_ordinal 
? 'data scaling'    ? ? ? ? ? ? ? ? ? ? ? XSCALE      ? ? ? .      1 
? refinement        ? ? ? ? ? ? ? ? ? ? ? PHENIX      ? ? ? 1.17.1 2 
? 'data extraction' ? ? ? ? ? ? ? ? ? ? ? PDB_EXTRACT ? ? ? 3.27   3 
? 'data reduction'  ? ? ? ? ? ? ? ? ? ? ? XDS         ? ? ? .      4 
? phasing           ? ? ? ? ? ? ? ? ? ? ? PHASER      ? ? ? .      5 
# 
_cell.angle_alpha                  90.000 
_cell.angle_alpha_esd              ? 
_cell.angle_beta                   90.000 
_cell.angle_beta_esd               ? 
_cell.angle_gamma                  120.000 
_cell.angle_gamma_esd              ? 
_cell.entry_id                     7YGO 
_cell.details                      ? 
_cell.formula_units_Z              ? 
_cell.length_a                     37.336 
_cell.length_a_esd                 ? 
_cell.length_b                     37.336 
_cell.length_b_esd                 ? 
_cell.length_c                     54.938 
_cell.length_c_esd                 ? 
_cell.volume                       ? 
_cell.volume_esd                   ? 
_cell.Z_PDB                        6 
_cell.reciprocal_angle_alpha       ? 
_cell.reciprocal_angle_beta        ? 
_cell.reciprocal_angle_gamma       ? 
_cell.reciprocal_angle_alpha_esd   ? 
_cell.reciprocal_angle_beta_esd    ? 
_cell.reciprocal_angle_gamma_esd   ? 
_cell.reciprocal_length_a          ? 
_cell.reciprocal_length_b          ? 
_cell.reciprocal_length_c          ? 
_cell.reciprocal_length_a_esd      ? 
_cell.reciprocal_length_b_esd      ? 
_cell.reciprocal_length_c_esd      ? 
_cell.pdbx_unique_axis             ? 
_cell.pdbx_esd_method              ? 
# 
_symmetry.entry_id                         7YGO 
_symmetry.cell_setting                     ? 
_symmetry.Int_Tables_number                152 
_symmetry.space_group_name_Hall            ? 
_symmetry.space_group_name_H-M             'P 31 2 1' 
_symmetry.pdbx_full_space_group_name_H-M   ? 
# 
_exptl.absorpt_coefficient_mu     ? 
_exptl.absorpt_correction_T_max   ? 
_exptl.absorpt_correction_T_min   ? 
_exptl.absorpt_correction_type    ? 
_exptl.absorpt_process_details    ? 
_exptl.entry_id                   7YGO 
_exptl.crystals_number            1 
_exptl.details                    ? 
_exptl.method                     'X-RAY DIFFRACTION' 
_exptl.method_details             ? 
# 
_exptl_crystal.colour                       ? 
_exptl_crystal.density_diffrn               ? 
_exptl_crystal.density_Matthews             3.02 
_exptl_crystal.density_method               ? 
_exptl_crystal.density_percent_sol          59.31 
_exptl_crystal.description                  ? 
_exptl_crystal.F_000                        ? 
_exptl_crystal.id                           1 
_exptl_crystal.preparation                  ? 
_exptl_crystal.size_max                     ? 
_exptl_crystal.size_mid                     ? 
_exptl_crystal.size_min                     ? 
_exptl_crystal.size_rad                     ? 
_exptl_crystal.colour_lustre                ? 
_exptl_crystal.colour_modifier              ? 
_exptl_crystal.colour_primary               ? 
_exptl_crystal.density_meas                 ? 
_exptl_crystal.density_meas_esd             ? 
_exptl_crystal.density_meas_gt              ? 
_exptl_crystal.density_meas_lt              ? 
_exptl_crystal.density_meas_temp            ? 
_exptl_crystal.density_meas_temp_esd        ? 
_exptl_crystal.density_meas_temp_gt         ? 
_exptl_crystal.density_meas_temp_lt         ? 
_exptl_crystal.pdbx_crystal_image_url       ? 
_exptl_crystal.pdbx_crystal_image_format    ? 
_exptl_crystal.pdbx_mosaicity               ? 
_exptl_crystal.pdbx_mosaicity_esd           ? 
_exptl_crystal.pdbx_mosaic_method           ? 
_exptl_crystal.pdbx_mosaic_block_size       ? 
_exptl_crystal.pdbx_mosaic_block_size_esd   ? 
# 
_exptl_crystal_grow.apparatus       ? 
_exptl_crystal_grow.atmosphere      ? 
_exptl_crystal_grow.crystal_id      1 
_exptl_crystal_grow.details         ? 
_exptl_crystal_grow.method          'VAPOR DIFFUSION, HANGING DROP' 
_exptl_crystal_grow.method_ref      ? 
_exptl_crystal_grow.pH              ? 
_exptl_crystal_grow.pressure        ? 
_exptl_crystal_grow.pressure_esd    ? 
_exptl_crystal_grow.seeding         ? 
_exptl_crystal_grow.seeding_ref     ? 
_exptl_crystal_grow.temp            293 
_exptl_crystal_grow.temp_details    ? 
_exptl_crystal_grow.temp_esd        ? 
_exptl_crystal_grow.time            ? 
_exptl_crystal_grow.pdbx_details    'MPD, spermine, potassium nitrate, MOPS' 
_exptl_crystal_grow.pdbx_pH_range   ? 
# 
_diffrn.ambient_environment              ? 
_diffrn.ambient_temp                     100 
_diffrn.ambient_temp_details             ? 
_diffrn.ambient_temp_esd                 ? 
_diffrn.crystal_id                       1 
_diffrn.crystal_support                  ? 
_diffrn.crystal_treatment                ? 
_diffrn.details                          ? 
_diffrn.id                               1 
_diffrn.ambient_pressure                 ? 
_diffrn.ambient_pressure_esd             ? 
_diffrn.ambient_pressure_gt              ? 
_diffrn.ambient_pressure_lt              ? 
_diffrn.ambient_temp_gt                  ? 
_diffrn.ambient_temp_lt                  ? 
_diffrn.pdbx_serial_crystal_experiment   N 
# 
_diffrn_detector.details                      ? 
_diffrn_detector.detector                     PIXEL 
_diffrn_detector.diffrn_id                    1 
_diffrn_detector.type                         'DECTRIS PILATUS3 S 6M' 
_diffrn_detector.area_resol_mean              ? 
_diffrn_detector.dtime                        ? 
_diffrn_detector.pdbx_frames_total            ? 
_diffrn_detector.pdbx_collection_time_total   ? 
_diffrn_detector.pdbx_collection_date         2018-11-21 
_diffrn_detector.pdbx_frequency               ? 
# 
_diffrn_radiation.collimation                      ? 
_diffrn_radiation.diffrn_id                        1 
_diffrn_radiation.filter_edge                      ? 
_diffrn_radiation.inhomogeneity                    ? 
_diffrn_radiation.monochromator                    ? 
_diffrn_radiation.polarisn_norm                    ? 
_diffrn_radiation.polarisn_ratio                   ? 
_diffrn_radiation.probe                            ? 
_diffrn_radiation.type                             ? 
_diffrn_radiation.xray_symbol                      ? 
_diffrn_radiation.wavelength_id                    1 
_diffrn_radiation.pdbx_monochromatic_or_laue_m_l   M 
_diffrn_radiation.pdbx_wavelength_list             ? 
_diffrn_radiation.pdbx_wavelength                  ? 
_diffrn_radiation.pdbx_diffrn_protocol             'SINGLE WAVELENGTH' 
_diffrn_radiation.pdbx_analyzer                    ? 
_diffrn_radiation.pdbx_scattering_type             x-ray 
# 
_diffrn_radiation_wavelength.id           1 
_diffrn_radiation_wavelength.wavelength   1.00910 
_diffrn_radiation_wavelength.wt           1.0 
# 
_diffrn_source.current                     ? 
_diffrn_source.details                     ? 
_diffrn_source.diffrn_id                   1 
_diffrn_source.power                       ? 
_diffrn_source.size                        ? 
_diffrn_source.source                      SYNCHROTRON 
_diffrn_source.target                      ? 
_diffrn_source.type                        'PHOTON FACTORY BEAMLINE BL-5A' 
_diffrn_source.voltage                     ? 
_diffrn_source.take-off_angle              ? 
_diffrn_source.pdbx_wavelength_list        1.00910 
_diffrn_source.pdbx_wavelength             ? 
_diffrn_source.pdbx_synchrotron_beamline   BL-5A 
_diffrn_source.pdbx_synchrotron_site       'Photon Factory' 
# 
_reflns.B_iso_Wilson_estimate                          71.070 
_reflns.entry_id                                       7YGO 
_reflns.data_reduction_details                         ? 
_reflns.data_reduction_method                          ? 
_reflns.d_resolution_high                              2.400 
_reflns.d_resolution_low                               27.866 
_reflns.details                                        ? 
_reflns.limit_h_max                                    ? 
_reflns.limit_h_min                                    ? 
_reflns.limit_k_max                                    ? 
_reflns.limit_k_min                                    ? 
_reflns.limit_l_max                                    ? 
_reflns.limit_l_min                                    ? 
_reflns.number_all                                     ? 
_reflns.number_obs                                     3345 
_reflns.observed_criterion                             ? 
_reflns.observed_criterion_F_max                       ? 
_reflns.observed_criterion_F_min                       ? 
_reflns.observed_criterion_I_max                       ? 
_reflns.observed_criterion_I_min                       ? 
_reflns.observed_criterion_sigma_F                     ? 
_reflns.observed_criterion_sigma_I                     ? 
_reflns.percent_possible_obs                           99.800 
_reflns.R_free_details                                 ? 
_reflns.Rmerge_F_all                                   ? 
_reflns.Rmerge_F_obs                                   ? 
_reflns.Friedel_coverage                               ? 
_reflns.number_gt                                      ? 
_reflns.threshold_expression                           ? 
_reflns.pdbx_redundancy                                10.032 
_reflns.pdbx_Rmerge_I_obs                              0.036 
_reflns.pdbx_Rmerge_I_all                              ? 
_reflns.pdbx_Rsym_value                                ? 
_reflns.pdbx_netI_over_av_sigmaI                       ? 
_reflns.pdbx_netI_over_sigmaI                          30.950 
_reflns.pdbx_res_netI_over_av_sigmaI_2                 ? 
_reflns.pdbx_res_netI_over_sigmaI_2                    ? 
_reflns.pdbx_chi_squared                               1.568 
_reflns.pdbx_scaling_rejects                           11 
_reflns.pdbx_d_res_high_opt                            ? 
_reflns.pdbx_d_res_low_opt                             ? 
_reflns.pdbx_d_res_opt_method                          ? 
_reflns.phase_calculation_details                      ? 
_reflns.pdbx_Rrim_I_all                                0.038 
_reflns.pdbx_Rpim_I_all                                ? 
_reflns.pdbx_d_opt                                     ? 
_reflns.pdbx_number_measured_all                       33557 
_reflns.pdbx_diffrn_id                                 1 
_reflns.pdbx_ordinal                                   1 
_reflns.pdbx_CC_half                                   0.999 
_reflns.pdbx_CC_star                                   ? 
_reflns.pdbx_R_split                                   ? 
_reflns.pdbx_aniso_diffraction_limit_axis_1_ortho[1]   ? 
_reflns.pdbx_aniso_diffraction_limit_axis_1_ortho[2]   ? 
_reflns.pdbx_aniso_diffraction_limit_axis_1_ortho[3]   ? 
_reflns.pdbx_aniso_diffraction_limit_axis_2_ortho[1]   ? 
_reflns.pdbx_aniso_diffraction_limit_axis_2_ortho[2]   ? 
_reflns.pdbx_aniso_diffraction_limit_axis_2_ortho[3]   ? 
_reflns.pdbx_aniso_diffraction_limit_axis_3_ortho[1]   ? 
_reflns.pdbx_aniso_diffraction_limit_axis_3_ortho[2]   ? 
_reflns.pdbx_aniso_diffraction_limit_axis_3_ortho[3]   ? 
_reflns.pdbx_aniso_diffraction_limit_1                 ? 
_reflns.pdbx_aniso_diffraction_limit_2                 ? 
_reflns.pdbx_aniso_diffraction_limit_3                 ? 
_reflns.pdbx_aniso_B_tensor_eigenvector_1_ortho[1]     ? 
_reflns.pdbx_aniso_B_tensor_eigenvector_1_ortho[2]     ? 
_reflns.pdbx_aniso_B_tensor_eigenvector_1_ortho[3]     ? 
_reflns.pdbx_aniso_B_tensor_eigenvector_2_ortho[1]     ? 
_reflns.pdbx_aniso_B_tensor_eigenvector_2_ortho[2]     ? 
_reflns.pdbx_aniso_B_tensor_eigenvector_2_ortho[3]     ? 
_reflns.pdbx_aniso_B_tensor_eigenvector_3_ortho[1]     ? 
_reflns.pdbx_aniso_B_tensor_eigenvector_3_ortho[2]     ? 
_reflns.pdbx_aniso_B_tensor_eigenvector_3_ortho[3]     ? 
_reflns.pdbx_aniso_B_tensor_eigenvalue_1               ? 
_reflns.pdbx_aniso_B_tensor_eigenvalue_2               ? 
_reflns.pdbx_aniso_B_tensor_eigenvalue_3               ? 
_reflns.pdbx_orthogonalization_convention              ? 
_reflns.pdbx_percent_possible_ellipsoidal              ? 
_reflns.pdbx_percent_possible_spherical                ? 
_reflns.pdbx_percent_possible_ellipsoidal_anomalous    ? 
_reflns.pdbx_percent_possible_spherical_anomalous      ? 
_reflns.pdbx_redundancy_anomalous                      ? 
_reflns.pdbx_CC_half_anomalous                         ? 
_reflns.pdbx_absDiff_over_sigma_anomalous              ? 
_reflns.pdbx_percent_possible_anomalous                ? 
_reflns.pdbx_observed_signal_threshold                 ? 
_reflns.pdbx_signal_type                               ? 
_reflns.pdbx_signal_details                            ? 
_reflns.pdbx_signal_software_id                        ? 
_reflns.pdbx_CC_split_method                           ? 
# 
loop_
_reflns_shell.d_res_high 
_reflns_shell.d_res_low 
_reflns_shell.meanI_over_sigI_all 
_reflns_shell.meanI_over_sigI_obs 
_reflns_shell.number_measured_all 
_reflns_shell.number_measured_obs 
_reflns_shell.number_possible 
_reflns_shell.number_unique_all 
_reflns_shell.number_unique_obs 
_reflns_shell.percent_possible_all 
_reflns_shell.percent_possible_obs 
_reflns_shell.Rmerge_F_all 
_reflns_shell.Rmerge_F_obs 
_reflns_shell.Rmerge_I_all 
_reflns_shell.Rmerge_I_obs 
_reflns_shell.meanI_over_sigI_gt 
_reflns_shell.meanI_over_uI_all 
_reflns_shell.meanI_over_uI_gt 
_reflns_shell.number_measured_gt 
_reflns_shell.number_unique_gt 
_reflns_shell.percent_possible_gt 
_reflns_shell.Rmerge_F_gt 
_reflns_shell.Rmerge_I_gt 
_reflns_shell.pdbx_redundancy 
_reflns_shell.pdbx_Rsym_value 
_reflns_shell.pdbx_chi_squared 
_reflns_shell.pdbx_netI_over_sigmaI_all 
_reflns_shell.pdbx_netI_over_sigmaI_obs 
_reflns_shell.pdbx_Rrim_I_all 
_reflns_shell.pdbx_Rpim_I_all 
_reflns_shell.pdbx_rejects 
_reflns_shell.pdbx_ordinal 
_reflns_shell.pdbx_diffrn_id 
_reflns_shell.pdbx_CC_half 
_reflns_shell.pdbx_CC_star 
_reflns_shell.pdbx_R_split 
_reflns_shell.pdbx_percent_possible_ellipsoidal 
_reflns_shell.pdbx_percent_possible_spherical 
_reflns_shell.pdbx_percent_possible_ellipsoidal_anomalous 
_reflns_shell.pdbx_percent_possible_spherical_anomalous 
_reflns_shell.pdbx_redundancy_anomalous 
_reflns_shell.pdbx_CC_half_anomalous 
_reflns_shell.pdbx_absDiff_over_sigma_anomalous 
_reflns_shell.pdbx_percent_possible_anomalous 
2.400  2.470  ? 4.700  ? 2426 276 ? 273 98.900  ? ? ? ? 0.304 ? ? ? ? ? ? ? ? 8.886  ? ? ? ? 0.323 ? ? 1  1 0.992 ? ? ? ? ? ? ? ? 
? ? 
2.470  2.540  ? 6.600  ? 2309 227 ? 227 100.000 ? ? ? ? 0.271 ? ? ? ? ? ? ? ? 10.172 ? ? ? ? 0.285 ? ? 2  1 0.988 ? ? ? ? ? ? ? ? 
? ? 
2.540  2.620  ? 8.970  ? 2548 253 ? 253 100.000 ? ? ? ? 0.185 ? ? ? ? ? ? ? ? 10.071 ? ? ? ? 0.195 ? ? 3  1 0.996 ? ? ? ? ? ? ? ? 
? ? 
2.620  2.700  ? 12.030 ? 2587 247 ? 247 100.000 ? ? ? ? 0.142 ? ? ? ? ? ? ? ? 10.474 ? ? ? ? 0.150 ? ? 4  1 0.997 ? ? ? ? ? ? ? ? 
? ? 
2.700  2.800  ? 14.190 ? 2448 224 ? 223 99.600  ? ? ? ? 0.121 ? ? ? ? ? ? ? ? 10.978 ? ? ? ? 0.127 ? ? 5  1 0.998 ? ? ? ? ? ? ? ? 
? ? 
2.800  2.910  ? 18.600 ? 2705 248 ? 248 100.000 ? ? ? ? 0.093 ? ? ? ? ? ? ? ? 10.907 ? ? ? ? 0.098 ? ? 6  1 0.999 ? ? ? ? ? ? ? ? 
? ? 
2.910  3.020  ? 30.000 ? 2085 193 ? 193 100.000 ? ? ? ? 0.049 ? ? ? ? ? ? ? ? 10.803 ? ? ? ? 0.051 ? ? 7  1 1.000 ? ? ? ? ? ? ? ? 
? ? 
3.020  3.160  ? 35.080 ? 2265 215 ? 215 100.000 ? ? ? ? 0.044 ? ? ? ? ? ? ? ? 10.535 ? ? ? ? 0.047 ? ? 8  1 0.999 ? ? ? ? ? ? ? ? 
? ? 
3.160  3.310  ? 40.240 ? 1969 193 ? 193 100.000 ? ? ? ? 0.034 ? ? ? ? ? ? ? ? 10.202 ? ? ? ? 0.035 ? ? 9  1 1.000 ? ? ? ? ? ? ? ? 
? ? 
3.310  3.490  ? 42.570 ? 1651 176 ? 176 100.000 ? ? ? ? 0.035 ? ? ? ? ? ? ? ? 9.381  ? ? ? ? 0.038 ? ? 10 1 1.000 ? ? ? ? ? ? ? ? 
? ? 
3.490  3.700  ? 50.090 ? 1764 190 ? 190 100.000 ? ? ? ? 0.035 ? ? ? ? ? ? ? ? 9.284  ? ? ? ? 0.037 ? ? 11 1 1.000 ? ? ? ? ? ? ? ? 
? ? 
3.700  3.960  ? 46.970 ? 1447 154 ? 154 100.000 ? ? ? ? 0.033 ? ? ? ? ? ? ? ? 9.396  ? ? ? ? 0.034 ? ? 12 1 1.000 ? ? ? ? ? ? ? ? 
? ? 
3.960  4.280  ? 54.350 ? 1635 161 ? 161 100.000 ? ? ? ? 0.037 ? ? ? ? ? ? ? ? 10.155 ? ? ? ? 0.039 ? ? 13 1 1.000 ? ? ? ? ? ? ? ? 
? ? 
4.280  4.690  ? 55.720 ? 1528 154 ? 154 100.000 ? ? ? ? 0.033 ? ? ? ? ? ? ? ? 9.922  ? ? ? ? 0.034 ? ? 14 1 0.999 ? ? ? ? ? ? ? ? 
? ? 
4.690  5.240  ? 58.570 ? 1162 116 ? 116 100.000 ? ? ? ? 0.035 ? ? ? ? ? ? ? ? 10.017 ? ? ? ? 0.036 ? ? 15 1 0.999 ? ? ? ? ? ? ? ? 
? ? 
5.240  6.050  ? 56.940 ? 1087 113 ? 113 100.000 ? ? ? ? 0.031 ? ? ? ? ? ? ? ? 9.619  ? ? ? ? 0.032 ? ? 16 1 0.999 ? ? ? ? ? ? ? ? 
? ? 
6.050  7.410  ? 55.080 ? 880  100 ? 100 100.000 ? ? ? ? 0.030 ? ? ? ? ? ? ? ? 8.800  ? ? ? ? 0.032 ? ? 17 1 1.000 ? ? ? ? ? ? ? ? 
? ? 
7.410  10.480 ? 55.820 ? 677  72  ? 72  100.000 ? ? ? ? 0.029 ? ? ? ? ? ? ? ? 9.403  ? ? ? ? 0.031 ? ? 18 1 1.000 ? ? ? ? ? ? ? ? 
? ? 
10.480 27.866 ? 62.140 ? 384  40  ? 37  92.500  ? ? ? ? 0.031 ? ? ? ? ? ? ? ? 10.378 ? ? ? ? 0.033 ? ? 19 1 0.999 ? ? ? ? ? ? ? ? 
? ? 
# 
_refine.aniso_B[1][1]                            ? 
_refine.aniso_B[1][2]                            ? 
_refine.aniso_B[1][3]                            ? 
_refine.aniso_B[2][2]                            ? 
_refine.aniso_B[2][3]                            ? 
_refine.aniso_B[3][3]                            ? 
_refine.B_iso_max                                92.160 
_refine.B_iso_mean                               72.6245 
_refine.B_iso_min                                60.810 
_refine.correlation_coeff_Fo_to_Fc               ? 
_refine.correlation_coeff_Fo_to_Fc_free          ? 
_refine.details                                  ? 
_refine.diff_density_max                         ? 
_refine.diff_density_max_esd                     ? 
_refine.diff_density_min                         ? 
_refine.diff_density_min_esd                     ? 
_refine.diff_density_rms                         ? 
_refine.diff_density_rms_esd                     ? 
_refine.entry_id                                 7YGO 
_refine.pdbx_refine_id                           'X-RAY DIFFRACTION' 
_refine.ls_abs_structure_details                 ? 
_refine.ls_abs_structure_Flack                   ? 
_refine.ls_abs_structure_Flack_esd               ? 
_refine.ls_abs_structure_Rogers                  ? 
_refine.ls_abs_structure_Rogers_esd              ? 
_refine.ls_d_res_high                            2.4030 
_refine.ls_d_res_low                             27.8660 
_refine.ls_extinction_coef                       ? 
_refine.ls_extinction_coef_esd                   ? 
_refine.ls_extinction_expression                 ? 
_refine.ls_extinction_method                     ? 
_refine.ls_goodness_of_fit_all                   ? 
_refine.ls_goodness_of_fit_all_esd               ? 
_refine.ls_goodness_of_fit_obs                   ? 
_refine.ls_goodness_of_fit_obs_esd               ? 
_refine.ls_hydrogen_treatment                    ? 
_refine.ls_matrix_type                           ? 
_refine.ls_number_constraints                    ? 
_refine.ls_number_parameters                     ? 
_refine.ls_number_reflns_all                     ? 
_refine.ls_number_reflns_obs                     3336 
_refine.ls_number_reflns_R_free                  337 
_refine.ls_number_reflns_R_work                  2999 
_refine.ls_number_restraints                     ? 
_refine.ls_percent_reflns_obs                    99.5200 
_refine.ls_percent_reflns_R_free                 10.1000 
_refine.ls_R_factor_all                          ? 
_refine.ls_R_factor_obs                          0.2078 
_refine.ls_R_factor_R_free                       0.2370 
_refine.ls_R_factor_R_free_error                 ? 
_refine.ls_R_factor_R_free_error_details         ? 
_refine.ls_R_factor_R_work                       0.2045 
_refine.ls_R_Fsqd_factor_obs                     ? 
_refine.ls_R_I_factor_obs                        ? 
_refine.ls_redundancy_reflns_all                 ? 
_refine.ls_redundancy_reflns_obs                 ? 
_refine.ls_restrained_S_all                      ? 
_refine.ls_restrained_S_obs                      ? 
_refine.ls_shift_over_esd_max                    ? 
_refine.ls_shift_over_esd_mean                   ? 
_refine.ls_structure_factor_coef                 ? 
_refine.ls_weighting_details                     ? 
_refine.ls_weighting_scheme                      ? 
_refine.ls_wR_factor_all                         ? 
_refine.ls_wR_factor_obs                         ? 
_refine.ls_wR_factor_R_free                      ? 
_refine.ls_wR_factor_R_work                      ? 
_refine.occupancy_max                            ? 
_refine.occupancy_min                            ? 
_refine.solvent_model_details                    'FLAT BULK SOLVENT MODEL' 
_refine.solvent_model_param_bsol                 ? 
_refine.solvent_model_param_ksol                 ? 
_refine.pdbx_R_complete                          ? 
_refine.ls_R_factor_gt                           ? 
_refine.ls_goodness_of_fit_gt                    ? 
_refine.ls_goodness_of_fit_ref                   ? 
_refine.ls_shift_over_su_max                     ? 
_refine.ls_shift_over_su_max_lt                  ? 
_refine.ls_shift_over_su_mean                    ? 
_refine.ls_shift_over_su_mean_lt                 ? 
_refine.pdbx_ls_sigma_I                          ? 
_refine.pdbx_ls_sigma_F                          1.430 
_refine.pdbx_ls_sigma_Fsqd                       ? 
_refine.pdbx_data_cutoff_high_absF               ? 
_refine.pdbx_data_cutoff_high_rms_absF           ? 
_refine.pdbx_data_cutoff_low_absF                ? 
_refine.pdbx_isotropic_thermal_model             ? 
_refine.pdbx_ls_cross_valid_method               THROUGHOUT 
_refine.pdbx_method_to_determine_struct          'MOLECULAR REPLACEMENT' 
_refine.pdbx_starting_model                      ? 
_refine.pdbx_stereochemistry_target_values       ML 
_refine.pdbx_R_Free_selection_details            ? 
_refine.pdbx_stereochem_target_val_spec_case     ? 
_refine.pdbx_overall_ESU_R                       ? 
_refine.pdbx_overall_ESU_R_Free                  ? 
_refine.pdbx_solvent_vdw_probe_radii             1.1100 
_refine.pdbx_solvent_ion_probe_radii             ? 
_refine.pdbx_solvent_shrinkage_radii             0.9000 
_refine.pdbx_real_space_R                        ? 
_refine.pdbx_density_correlation                 ? 
_refine.pdbx_pd_number_of_powder_patterns        ? 
_refine.pdbx_pd_number_of_points                 ? 
_refine.pdbx_pd_meas_number_of_points            ? 
_refine.pdbx_pd_proc_ls_prof_R_factor            ? 
_refine.pdbx_pd_proc_ls_prof_wR_factor           ? 
_refine.pdbx_pd_Marquardt_correlation_coeff      ? 
_refine.pdbx_pd_Fsqrd_R_factor                   ? 
_refine.pdbx_pd_ls_matrix_band_width             ? 
_refine.pdbx_overall_phase_error                 31.8100 
_refine.pdbx_overall_SU_R_free_Cruickshank_DPI   ? 
_refine.pdbx_overall_SU_R_free_Blow_DPI          ? 
_refine.pdbx_overall_SU_R_Blow_DPI               ? 
_refine.pdbx_TLS_residual_ADP_flag               ? 
_refine.pdbx_diffrn_id                           1 
_refine.overall_SU_B                             ? 
_refine.overall_SU_ML                            0.1500 
_refine.overall_SU_R_Cruickshank_DPI             ? 
_refine.overall_SU_R_free                        ? 
_refine.overall_FOM_free_R_set                   ? 
_refine.overall_FOM_work_R_set                   ? 
_refine.pdbx_average_fsc_overall                 ? 
_refine.pdbx_average_fsc_work                    ? 
_refine.pdbx_average_fsc_free                    ? 
# 
_refine_hist.pdbx_refine_id                   'X-RAY DIFFRACTION' 
_refine_hist.cycle_id                         final 
_refine_hist.details                          ? 
_refine_hist.d_res_high                       2.4030 
_refine_hist.d_res_low                        27.8660 
_refine_hist.number_atoms_solvent             0 
_refine_hist.number_atoms_total               243 
_refine_hist.number_reflns_all                ? 
_refine_hist.number_reflns_obs                ? 
_refine_hist.number_reflns_R_free             ? 
_refine_hist.number_reflns_R_work             ? 
_refine_hist.R_factor_all                     ? 
_refine_hist.R_factor_obs                     ? 
_refine_hist.R_factor_R_free                  ? 
_refine_hist.R_factor_R_work                  ? 
_refine_hist.pdbx_number_residues_total       12 
_refine_hist.pdbx_B_iso_mean_ligand           81.86 
_refine_hist.pdbx_B_iso_mean_solvent          ? 
_refine_hist.pdbx_number_atoms_protein        0 
_refine_hist.pdbx_number_atoms_nucleic_acid   242 
_refine_hist.pdbx_number_atoms_ligand         1 
_refine_hist.pdbx_number_atoms_lipid          ? 
_refine_hist.pdbx_number_atoms_carb           ? 
_refine_hist.pdbx_pseudo_atom_details         ? 
# 
loop_
_refine_ls_restr.pdbx_refine_id 
_refine_ls_restr.criterion 
_refine_ls_restr.dev_ideal 
_refine_ls_restr.dev_ideal_target 
_refine_ls_restr.number 
_refine_ls_restr.rejects 
_refine_ls_restr.type 
_refine_ls_restr.weight 
_refine_ls_restr.pdbx_restraint_function 
'X-RAY DIFFRACTION' ? 0.008  ? 270 ? f_bond_d           ? ? 
'X-RAY DIFFRACTION' ? 0.939  ? 415 ? f_angle_d          ? ? 
'X-RAY DIFFRACTION' ? 0.041  ? 46  ? f_chiral_restr     ? ? 
'X-RAY DIFFRACTION' ? 0.005  ? 12  ? f_plane_restr      ? ? 
'X-RAY DIFFRACTION' ? 17.020 ? 110 ? f_dihedral_angle_d ? ? 
# 
loop_
_refine_ls_shell.pdbx_refine_id 
_refine_ls_shell.d_res_high 
_refine_ls_shell.d_res_low 
_refine_ls_shell.number_reflns_all 
_refine_ls_shell.number_reflns_obs 
_refine_ls_shell.number_reflns_R_free 
_refine_ls_shell.number_reflns_R_work 
_refine_ls_shell.percent_reflns_obs 
_refine_ls_shell.percent_reflns_R_free 
_refine_ls_shell.R_factor_all 
_refine_ls_shell.R_factor_obs 
_refine_ls_shell.R_factor_R_free 
_refine_ls_shell.R_factor_R_free_error 
_refine_ls_shell.R_factor_R_work 
_refine_ls_shell.redundancy_reflns_all 
_refine_ls_shell.redundancy_reflns_obs 
_refine_ls_shell.wR_factor_all 
_refine_ls_shell.wR_factor_obs 
_refine_ls_shell.wR_factor_R_free 
_refine_ls_shell.wR_factor_R_work 
_refine_ls_shell.pdbx_R_complete 
_refine_ls_shell.pdbx_total_number_of_bins_used 
_refine_ls_shell.pdbx_phase_error 
_refine_ls_shell.pdbx_fsc_work 
_refine_ls_shell.pdbx_fsc_free 
'X-RAY DIFFRACTION' 2.4030 3.0265  . . 165 1492 99.0000  . . . 0.3040 0.0000 0.2808 . . . . . . . . . . . 
'X-RAY DIFFRACTION' 3.0265 27.8660 . . 172 1507 100.0000 . . . 0.2241 0.0000 0.1908 . . . . . . . . . . . 
# 
_struct.entry_id                     7YGO 
_struct.title                        'DNA duplex containing 5OHU-Hg(II)-T base pairs' 
_struct.pdbx_model_details           ? 
_struct.pdbx_formula_weight          ? 
_struct.pdbx_formula_weight_method   ? 
_struct.pdbx_model_type_details      ? 
_struct.pdbx_CASP_flag               N 
# 
_struct_keywords.entry_id        7YGO 
_struct_keywords.text            'DNA, metal-mediated base pair, metallo-DNA, mercury' 
_struct_keywords.pdbx_keywords   DNA 
# 
loop_
_struct_asym.id 
_struct_asym.pdbx_blank_PDB_chainid_flag 
_struct_asym.pdbx_modified 
_struct_asym.entity_id 
_struct_asym.details 
A N N 1 ? 
B N N 2 ? 
# 
_struct_ref.id                         1 
_struct_ref.db_name                    PDB 
_struct_ref.db_code                    7YGO 
_struct_ref.pdbx_db_accession          7YGO 
_struct_ref.pdbx_db_isoform            ? 
_struct_ref.entity_id                  1 
_struct_ref.pdbx_seq_one_letter_code   ? 
_struct_ref.pdbx_align_begin           1 
# 
_struct_ref_seq.align_id                      1 
_struct_ref_seq.ref_id                        1 
_struct_ref_seq.pdbx_PDB_id_code              7YGO 
_struct_ref_seq.pdbx_strand_id                A 
_struct_ref_seq.seq_align_beg                 1 
_struct_ref_seq.pdbx_seq_align_beg_ins_code   ? 
_struct_ref_seq.seq_align_end                 12 
_struct_ref_seq.pdbx_seq_align_end_ins_code   ? 
_struct_ref_seq.pdbx_db_accession             7YGO 
_struct_ref_seq.db_align_beg                  1 
_struct_ref_seq.pdbx_db_align_beg_ins_code    ? 
_struct_ref_seq.db_align_end                  12 
_struct_ref_seq.pdbx_db_align_end_ins_code    ? 
_struct_ref_seq.pdbx_auth_seq_align_beg       1 
_struct_ref_seq.pdbx_auth_seq_align_end       12 
# 
_pdbx_struct_assembly.id                   1 
_pdbx_struct_assembly.details              author_and_software_defined_assembly 
_pdbx_struct_assembly.method_details       PISA 
_pdbx_struct_assembly.oligomeric_details   dimeric 
_pdbx_struct_assembly.oligomeric_count     2 
# 
loop_
_pdbx_struct_assembly_prop.biol_id 
_pdbx_struct_assembly_prop.type 
_pdbx_struct_assembly_prop.value 
_pdbx_struct_assembly_prop.details 
1 'ABSA (A^2)' 1510 ? 
1 MORE         -68  ? 
1 'SSA (A^2)'  4270 ? 
# 
_pdbx_struct_assembly_gen.assembly_id       1 
_pdbx_struct_assembly_gen.oper_expression   1,2 
_pdbx_struct_assembly_gen.asym_id_list      A,B 
# 
_pdbx_struct_assembly_auth_evidence.id                     1 
_pdbx_struct_assembly_auth_evidence.assembly_id            1 
_pdbx_struct_assembly_auth_evidence.experimental_support   none 
_pdbx_struct_assembly_auth_evidence.details                ? 
# 
loop_
_pdbx_struct_oper_list.id 
_pdbx_struct_oper_list.type 
_pdbx_struct_oper_list.name 
_pdbx_struct_oper_list.symmetry_operation 
_pdbx_struct_oper_list.matrix[1][1] 
_pdbx_struct_oper_list.matrix[1][2] 
_pdbx_struct_oper_list.matrix[1][3] 
_pdbx_struct_oper_list.vector[1] 
_pdbx_struct_oper_list.matrix[2][1] 
_pdbx_struct_oper_list.matrix[2][2] 
_pdbx_struct_oper_list.matrix[2][3] 
_pdbx_struct_oper_list.vector[2] 
_pdbx_struct_oper_list.matrix[3][1] 
_pdbx_struct_oper_list.matrix[3][2] 
_pdbx_struct_oper_list.matrix[3][3] 
_pdbx_struct_oper_list.vector[3] 
1 'identity operation'         1_555 x,y,z          1.0000000000 0.0000000000  0.0000000000 0.0000000000  0.0000000000  1.0000000000  0.0000000000  0.0000000000  0.0000000000 0.0000000000  1.0000000000  0.0000000000 
2 'crystal symmetry operation' 6_557 -x,-x+y,-z+7/3 0.7920835308 -0.1413959951 0.5938104519 -0.6976318565 -0.1413959951 -0.9888438083 -0.0468518450 -3.7736417933 0.5938104519 -0.0468518450 -0.8032397225 1.2068442400 
# 
loop_
_struct_conn.id 
_struct_conn.conn_type_id 
_struct_conn.pdbx_leaving_atom_flag 
_struct_conn.pdbx_PDB_id 
_struct_conn.ptnr1_label_asym_id 
_struct_conn.ptnr1_label_comp_id 
_struct_conn.ptnr1_label_seq_id 
_struct_conn.ptnr1_label_atom_id 
_struct_conn.pdbx_ptnr1_label_alt_id 
_struct_conn.pdbx_ptnr1_PDB_ins_code 
_struct_conn.pdbx_ptnr1_standard_comp_id 
_struct_conn.ptnr1_symmetry 
_struct_conn.ptnr2_label_asym_id 
_struct_conn.ptnr2_label_comp_id 
_struct_conn.ptnr2_label_seq_id 
_struct_conn.ptnr2_label_atom_id 
_struct_conn.pdbx_ptnr2_label_alt_id 
_struct_conn.pdbx_ptnr2_PDB_ins_code 
_struct_conn.ptnr1_auth_asym_id 
_struct_conn.ptnr1_auth_comp_id 
_struct_conn.ptnr1_auth_seq_id 
_struct_conn.ptnr2_auth_asym_id 
_struct_conn.ptnr2_auth_comp_id 
_struct_conn.ptnr2_auth_seq_id 
_struct_conn.ptnr2_symmetry 
_struct_conn.pdbx_ptnr3_label_atom_id 
_struct_conn.pdbx_ptnr3_label_seq_id 
_struct_conn.pdbx_ptnr3_label_comp_id 
_struct_conn.pdbx_ptnr3_label_asym_id 
_struct_conn.pdbx_ptnr3_label_alt_id 
_struct_conn.pdbx_ptnr3_PDB_ins_code 
_struct_conn.details 
_struct_conn.pdbx_dist_value 
_struct_conn.pdbx_value_order 
_struct_conn.pdbx_role 
covale1  covale both ? A DT  6  "O3'" ? ? ? 1_555 A OHU 7  P  ? ? A DT  6  A OHU 7   1_555 ? ? ? ? ? ? ?            1.601 ? ? 
covale2  covale one  ? A OHU 7  "O3'" ? ? ? 1_555 A DG  8  P  ? ? A OHU 7  A DG  8   1_555 ? ? ? ? ? ? ?            1.601 ? ? 
metalc1  metalc ?    ? A DT  6  N3    ? ? ? 1_555 B HG  .  HG ? ? A DT  6  A HG  101 1_555 ? ? ? ? ? ? ?            2.032 ? ? 
metalc2  metalc ?    ? A DT  6  O4    ? ? ? 1_555 B HG  .  HG ? ? A DT  6  A HG  101 1_555 ? ? ? ? ? ? ?            2.576 ? ? 
metalc3  metalc ?    ? A OHU 7  N3    ? ? ? 1_555 B HG  .  HG ? ? A OHU 7  A HG  101 6_557 ? ? ? ? ? ? ?            2.133 ? ? 
metalc4  metalc ?    ? A OHU 7  O4    ? ? ? 1_555 B HG  .  HG ? ? A OHU 7  A HG  101 6_557 ? ? ? ? ? ? ?            2.825 ? ? 
metalc5  metalc ?    ? A DG  8  O6    ? ? ? 1_555 B HG  .  HG ? ? A DG  8  A HG  101 6_557 ? ? ? ? ? ? ?            3.047 ? ? 
hydrog1  hydrog ?    ? A DG  1  N1    ? ? ? 1_555 A DC  12 N3 ? ? A DG  1  A DC  12  6_557 ? ? ? ? ? ? WATSON-CRICK ?     ? ? 
hydrog2  hydrog ?    ? A DG  1  N2    ? ? ? 1_555 A DC  12 O2 ? ? A DG  1  A DC  12  6_557 ? ? ? ? ? ? WATSON-CRICK ?     ? ? 
hydrog3  hydrog ?    ? A DG  1  O6    ? ? ? 1_555 A DC  12 N4 ? ? A DG  1  A DC  12  6_557 ? ? ? ? ? ? WATSON-CRICK ?     ? ? 
hydrog4  hydrog ?    ? A DG  2  N1    ? ? ? 1_555 A DC  11 N3 ? ? A DG  2  A DC  11  6_557 ? ? ? ? ? ? WATSON-CRICK ?     ? ? 
hydrog5  hydrog ?    ? A DG  2  N2    ? ? ? 1_555 A DC  11 O2 ? ? A DG  2  A DC  11  6_557 ? ? ? ? ? ? WATSON-CRICK ?     ? ? 
hydrog6  hydrog ?    ? A DG  2  O6    ? ? ? 1_555 A DC  11 N4 ? ? A DG  2  A DC  11  6_557 ? ? ? ? ? ? WATSON-CRICK ?     ? ? 
hydrog7  hydrog ?    ? A DA  3  N1    ? ? ? 1_555 A DT  10 N3 ? ? A DA  3  A DT  10  6_557 ? ? ? ? ? ? WATSON-CRICK ?     ? ? 
hydrog8  hydrog ?    ? A DA  3  N6    ? ? ? 1_555 A DT  10 O4 ? ? A DA  3  A DT  10  6_557 ? ? ? ? ? ? WATSON-CRICK ?     ? ? 
hydrog9  hydrog ?    ? A DC  4  N3    ? ? ? 1_555 A DG  9  N1 ? ? A DC  4  A DG  9   6_557 ? ? ? ? ? ? WATSON-CRICK ?     ? ? 
hydrog10 hydrog ?    ? A DC  4  N4    ? ? ? 1_555 A DG  9  O6 ? ? A DC  4  A DG  9   6_557 ? ? ? ? ? ? WATSON-CRICK ?     ? ? 
hydrog11 hydrog ?    ? A DC  4  O2    ? ? ? 1_555 A DG  9  N2 ? ? A DC  4  A DG  9   6_557 ? ? ? ? ? ? WATSON-CRICK ?     ? ? 
hydrog12 hydrog ?    ? A DC  5  N3    ? ? ? 1_555 A DG  8  N1 ? ? A DC  5  A DG  8   6_557 ? ? ? ? ? ? WATSON-CRICK ?     ? ? 
hydrog13 hydrog ?    ? A DC  5  N4    ? ? ? 1_555 A DG  8  O6 ? ? A DC  5  A DG  8   6_557 ? ? ? ? ? ? WATSON-CRICK ?     ? ? 
hydrog14 hydrog ?    ? A DC  5  O2    ? ? ? 1_555 A DG  8  N2 ? ? A DC  5  A DG  8   6_557 ? ? ? ? ? ? WATSON-CRICK ?     ? ? 
hydrog15 hydrog ?    ? A DG  8  N1    ? ? ? 1_555 A DC  5  N3 ? ? A DG  8  A DC  5   6_557 ? ? ? ? ? ? WATSON-CRICK ?     ? ? 
hydrog16 hydrog ?    ? A DG  8  N2    ? ? ? 1_555 A DC  5  O2 ? ? A DG  8  A DC  5   6_557 ? ? ? ? ? ? WATSON-CRICK ?     ? ? 
hydrog17 hydrog ?    ? A DG  8  O6    ? ? ? 1_555 A DC  5  N4 ? ? A DG  8  A DC  5   6_557 ? ? ? ? ? ? WATSON-CRICK ?     ? ? 
hydrog18 hydrog ?    ? A DG  9  N1    ? ? ? 1_555 A DC  4  N3 ? ? A DG  9  A DC  4   6_557 ? ? ? ? ? ? WATSON-CRICK ?     ? ? 
hydrog19 hydrog ?    ? A DG  9  N2    ? ? ? 1_555 A DC  4  O2 ? ? A DG  9  A DC  4   6_557 ? ? ? ? ? ? WATSON-CRICK ?     ? ? 
hydrog20 hydrog ?    ? A DG  9  O6    ? ? ? 1_555 A DC  4  N4 ? ? A DG  9  A DC  4   6_557 ? ? ? ? ? ? WATSON-CRICK ?     ? ? 
hydrog21 hydrog ?    ? A DT  10 N3    ? ? ? 1_555 A DA  3  N1 ? ? A DT  10 A DA  3   6_557 ? ? ? ? ? ? WATSON-CRICK ?     ? ? 
hydrog22 hydrog ?    ? A DT  10 O4    ? ? ? 1_555 A DA  3  N6 ? ? A DT  10 A DA  3   6_557 ? ? ? ? ? ? WATSON-CRICK ?     ? ? 
hydrog23 hydrog ?    ? A DC  11 N3    ? ? ? 1_555 A DG  2  N1 ? ? A DC  11 A DG  2   6_557 ? ? ? ? ? ? WATSON-CRICK ?     ? ? 
hydrog24 hydrog ?    ? A DC  11 N4    ? ? ? 1_555 A DG  2  O6 ? ? A DC  11 A DG  2   6_557 ? ? ? ? ? ? WATSON-CRICK ?     ? ? 
hydrog25 hydrog ?    ? A DC  11 O2    ? ? ? 1_555 A DG  2  N2 ? ? A DC  11 A DG  2   6_557 ? ? ? ? ? ? WATSON-CRICK ?     ? ? 
hydrog26 hydrog ?    ? A DC  12 N3    ? ? ? 1_555 A DG  1  N1 ? ? A DC  12 A DG  1   6_557 ? ? ? ? ? ? WATSON-CRICK ?     ? ? 
hydrog27 hydrog ?    ? A DC  12 N4    ? ? ? 1_555 A DG  1  O6 ? ? A DC  12 A DG  1   6_557 ? ? ? ? ? ? WATSON-CRICK ?     ? ? 
hydrog28 hydrog ?    ? A DC  12 O2    ? ? ? 1_555 A DG  1  N2 ? ? A DC  12 A DG  1   6_557 ? ? ? ? ? ? WATSON-CRICK ?     ? ? 
# 
loop_
_struct_conn_type.id 
_struct_conn_type.criteria 
_struct_conn_type.reference 
covale ? ? 
metalc ? ? 
hydrog ? ? 
# 
loop_
_pdbx_struct_conn_angle.id 
_pdbx_struct_conn_angle.ptnr1_label_atom_id 
_pdbx_struct_conn_angle.ptnr1_label_alt_id 
_pdbx_struct_conn_angle.ptnr1_label_asym_id 
_pdbx_struct_conn_angle.ptnr1_label_comp_id 
_pdbx_struct_conn_angle.ptnr1_label_seq_id 
_pdbx_struct_conn_angle.ptnr1_auth_atom_id 
_pdbx_struct_conn_angle.ptnr1_auth_asym_id 
_pdbx_struct_conn_angle.ptnr1_auth_comp_id 
_pdbx_struct_conn_angle.ptnr1_auth_seq_id 
_pdbx_struct_conn_angle.ptnr1_PDB_ins_code 
_pdbx_struct_conn_angle.ptnr1_symmetry 
_pdbx_struct_conn_angle.ptnr2_label_atom_id 
_pdbx_struct_conn_angle.ptnr2_label_alt_id 
_pdbx_struct_conn_angle.ptnr2_label_asym_id 
_pdbx_struct_conn_angle.ptnr2_label_comp_id 
_pdbx_struct_conn_angle.ptnr2_label_seq_id 
_pdbx_struct_conn_angle.ptnr2_auth_atom_id 
_pdbx_struct_conn_angle.ptnr2_auth_asym_id 
_pdbx_struct_conn_angle.ptnr2_auth_comp_id 
_pdbx_struct_conn_angle.ptnr2_auth_seq_id 
_pdbx_struct_conn_angle.ptnr2_PDB_ins_code 
_pdbx_struct_conn_angle.ptnr2_symmetry 
_pdbx_struct_conn_angle.ptnr3_label_atom_id 
_pdbx_struct_conn_angle.ptnr3_label_alt_id 
_pdbx_struct_conn_angle.ptnr3_label_asym_id 
_pdbx_struct_conn_angle.ptnr3_label_comp_id 
_pdbx_struct_conn_angle.ptnr3_label_seq_id 
_pdbx_struct_conn_angle.ptnr3_auth_atom_id 
_pdbx_struct_conn_angle.ptnr3_auth_asym_id 
_pdbx_struct_conn_angle.ptnr3_auth_comp_id 
_pdbx_struct_conn_angle.ptnr3_auth_seq_id 
_pdbx_struct_conn_angle.ptnr3_PDB_ins_code 
_pdbx_struct_conn_angle.ptnr3_symmetry 
_pdbx_struct_conn_angle.value 
_pdbx_struct_conn_angle.value_esd 
1  N3 ? A DT  6 ? A DT  6 ? 1_555 HG ? B HG . ? A HG 101 ? 1_555 O4 ? A DT  6 ? A DT  6 ? 1_555 57.6 ? 
2  N3 ? A DT  6 ? A DT  6 ? 1_555 HG ? B HG . ? A HG 101 ? 1_555 N3 ? A OHU 7 ? A OHU 7 ? 1_555 81.4 ? 
3  O4 ? A DT  6 ? A DT  6 ? 1_555 HG ? B HG . ? A HG 101 ? 1_555 N3 ? A OHU 7 ? A OHU 7 ? 1_555 86.8 ? 
4  N3 ? A DT  6 ? A DT  6 ? 1_555 HG ? B HG . ? A HG 101 ? 1_555 O4 ? A OHU 7 ? A OHU 7 ? 1_555 69.6 ? 
5  O4 ? A DT  6 ? A DT  6 ? 1_555 HG ? B HG . ? A HG 101 ? 1_555 O4 ? A OHU 7 ? A OHU 7 ? 1_555 52.7 ? 
6  N3 ? A OHU 7 ? A OHU 7 ? 1_555 HG ? B HG . ? A HG 101 ? 1_555 O4 ? A OHU 7 ? A OHU 7 ? 1_555 34.6 ? 
7  N3 ? A DT  6 ? A DT  6 ? 1_555 HG ? B HG . ? A HG 101 ? 1_555 O6 ? A DG  8 ? A DG  8 ? 1_555 99.9 ? 
8  O4 ? A DT  6 ? A DT  6 ? 1_555 HG ? B HG . ? A HG 101 ? 1_555 O6 ? A DG  8 ? A DG  8 ? 1_555 71.9 ? 
9  N3 ? A OHU 7 ? A OHU 7 ? 1_555 HG ? B HG . ? A HG 101 ? 1_555 O6 ? A DG  8 ? A DG  8 ? 1_555 35.6 ? 
10 O4 ? A OHU 7 ? A OHU 7 ? 1_555 HG ? B HG . ? A HG 101 ? 1_555 O6 ? A DG  8 ? A DG  8 ? 1_555 30.5 ? 
# 
_pdbx_entry_details.entry_id                 7YGO 
_pdbx_entry_details.has_ligand_of_interest   Y 
_pdbx_entry_details.compound_details         ? 
_pdbx_entry_details.source_details           ? 
_pdbx_entry_details.nonpolymer_details       ? 
_pdbx_entry_details.sequence_details         ? 
# 
loop_
_chem_comp_atom.comp_id 
_chem_comp_atom.atom_id 
_chem_comp_atom.type_symbol 
_chem_comp_atom.pdbx_aromatic_flag 
_chem_comp_atom.pdbx_stereo_config 
_chem_comp_atom.pdbx_ordinal 
DA  OP3    O  N N 1   
DA  P      P  N N 2   
DA  OP1    O  N N 3   
DA  OP2    O  N N 4   
DA  "O5'"  O  N N 5   
DA  "C5'"  C  N N 6   
DA  "C4'"  C  N R 7   
DA  "O4'"  O  N N 8   
DA  "C3'"  C  N S 9   
DA  "O3'"  O  N N 10  
DA  "C2'"  C  N N 11  
DA  "C1'"  C  N R 12  
DA  N9     N  Y N 13  
DA  C8     C  Y N 14  
DA  N7     N  Y N 15  
DA  C5     C  Y N 16  
DA  C6     C  Y N 17  
DA  N6     N  N N 18  
DA  N1     N  Y N 19  
DA  C2     C  Y N 20  
DA  N3     N  Y N 21  
DA  C4     C  Y N 22  
DA  HOP3   H  N N 23  
DA  HOP2   H  N N 24  
DA  "H5'"  H  N N 25  
DA  "H5''" H  N N 26  
DA  "H4'"  H  N N 27  
DA  "H3'"  H  N N 28  
DA  "HO3'" H  N N 29  
DA  "H2'"  H  N N 30  
DA  "H2''" H  N N 31  
DA  "H1'"  H  N N 32  
DA  H8     H  N N 33  
DA  H61    H  N N 34  
DA  H62    H  N N 35  
DA  H2     H  N N 36  
DC  OP3    O  N N 37  
DC  P      P  N N 38  
DC  OP1    O  N N 39  
DC  OP2    O  N N 40  
DC  "O5'"  O  N N 41  
DC  "C5'"  C  N N 42  
DC  "C4'"  C  N R 43  
DC  "O4'"  O  N N 44  
DC  "C3'"  C  N S 45  
DC  "O3'"  O  N N 46  
DC  "C2'"  C  N N 47  
DC  "C1'"  C  N R 48  
DC  N1     N  N N 49  
DC  C2     C  N N 50  
DC  O2     O  N N 51  
DC  N3     N  N N 52  
DC  C4     C  N N 53  
DC  N4     N  N N 54  
DC  C5     C  N N 55  
DC  C6     C  N N 56  
DC  HOP3   H  N N 57  
DC  HOP2   H  N N 58  
DC  "H5'"  H  N N 59  
DC  "H5''" H  N N 60  
DC  "H4'"  H  N N 61  
DC  "H3'"  H  N N 62  
DC  "HO3'" H  N N 63  
DC  "H2'"  H  N N 64  
DC  "H2''" H  N N 65  
DC  "H1'"  H  N N 66  
DC  H41    H  N N 67  
DC  H42    H  N N 68  
DC  H5     H  N N 69  
DC  H6     H  N N 70  
DG  OP3    O  N N 71  
DG  P      P  N N 72  
DG  OP1    O  N N 73  
DG  OP2    O  N N 74  
DG  "O5'"  O  N N 75  
DG  "C5'"  C  N N 76  
DG  "C4'"  C  N R 77  
DG  "O4'"  O  N N 78  
DG  "C3'"  C  N S 79  
DG  "O3'"  O  N N 80  
DG  "C2'"  C  N N 81  
DG  "C1'"  C  N R 82  
DG  N9     N  Y N 83  
DG  C8     C  Y N 84  
DG  N7     N  Y N 85  
DG  C5     C  Y N 86  
DG  C6     C  N N 87  
DG  O6     O  N N 88  
DG  N1     N  N N 89  
DG  C2     C  N N 90  
DG  N2     N  N N 91  
DG  N3     N  N N 92  
DG  C4     C  Y N 93  
DG  HOP3   H  N N 94  
DG  HOP2   H  N N 95  
DG  "H5'"  H  N N 96  
DG  "H5''" H  N N 97  
DG  "H4'"  H  N N 98  
DG  "H3'"  H  N N 99  
DG  "HO3'" H  N N 100 
DG  "H2'"  H  N N 101 
DG  "H2''" H  N N 102 
DG  "H1'"  H  N N 103 
DG  H8     H  N N 104 
DG  H1     H  N N 105 
DG  H21    H  N N 106 
DG  H22    H  N N 107 
DT  OP3    O  N N 108 
DT  P      P  N N 109 
DT  OP1    O  N N 110 
DT  OP2    O  N N 111 
DT  "O5'"  O  N N 112 
DT  "C5'"  C  N N 113 
DT  "C4'"  C  N R 114 
DT  "O4'"  O  N N 115 
DT  "C3'"  C  N S 116 
DT  "O3'"  O  N N 117 
DT  "C2'"  C  N N 118 
DT  "C1'"  C  N R 119 
DT  N1     N  N N 120 
DT  C2     C  N N 121 
DT  O2     O  N N 122 
DT  N3     N  N N 123 
DT  C4     C  N N 124 
DT  O4     O  N N 125 
DT  C5     C  N N 126 
DT  C7     C  N N 127 
DT  C6     C  N N 128 
DT  HOP3   H  N N 129 
DT  HOP2   H  N N 130 
DT  "H5'"  H  N N 131 
DT  "H5''" H  N N 132 
DT  "H4'"  H  N N 133 
DT  "H3'"  H  N N 134 
DT  "HO3'" H  N N 135 
DT  "H2'"  H  N N 136 
DT  "H2''" H  N N 137 
DT  "H1'"  H  N N 138 
DT  H3     H  N N 139 
DT  H71    H  N N 140 
DT  H72    H  N N 141 
DT  H73    H  N N 142 
DT  H6     H  N N 143 
HG  HG     HG N N 144 
OHU P      P  N N 145 
OHU N1     N  N N 146 
OHU C2     C  N N 147 
OHU O2     O  N N 148 
OHU N3     N  N N 149 
OHU C4     C  N N 150 
OHU O4     O  N N 151 
OHU C5     C  N N 152 
OHU O5     O  N N 153 
OHU C6     C  N N 154 
OHU "C1'"  C  N R 155 
OHU "C2'"  C  N N 156 
OHU "C3'"  C  N S 157 
OHU "O3'"  O  N N 158 
OHU "C4'"  C  N R 159 
OHU "O4'"  O  N N 160 
OHU "C5'"  C  N N 161 
OHU "O5'"  O  N N 162 
OHU OP1    O  N N 163 
OHU OP2    O  N N 164 
OHU OP3    O  N N 165 
OHU HN3    H  N N 166 
OHU HO5    H  N N 167 
OHU H6     H  N N 168 
OHU "H1'"  H  N N 169 
OHU "H2'"  H  N N 170 
OHU "H2'A" H  N N 171 
OHU "H3'"  H  N N 172 
OHU "HO3'" H  N N 173 
OHU "H4'"  H  N N 174 
OHU "H5'"  H  N N 175 
OHU "H5'A" H  N N 176 
OHU HOP2   H  N N 177 
OHU HOP3   H  N N 178 
# 
loop_
_chem_comp_bond.comp_id 
_chem_comp_bond.atom_id_1 
_chem_comp_bond.atom_id_2 
_chem_comp_bond.value_order 
_chem_comp_bond.pdbx_aromatic_flag 
_chem_comp_bond.pdbx_stereo_config 
_chem_comp_bond.pdbx_ordinal 
DA  OP3   P      sing N N 1   
DA  OP3   HOP3   sing N N 2   
DA  P     OP1    doub N N 3   
DA  P     OP2    sing N N 4   
DA  P     "O5'"  sing N N 5   
DA  OP2   HOP2   sing N N 6   
DA  "O5'" "C5'"  sing N N 7   
DA  "C5'" "C4'"  sing N N 8   
DA  "C5'" "H5'"  sing N N 9   
DA  "C5'" "H5''" sing N N 10  
DA  "C4'" "O4'"  sing N N 11  
DA  "C4'" "C3'"  sing N N 12  
DA  "C4'" "H4'"  sing N N 13  
DA  "O4'" "C1'"  sing N N 14  
DA  "C3'" "O3'"  sing N N 15  
DA  "C3'" "C2'"  sing N N 16  
DA  "C3'" "H3'"  sing N N 17  
DA  "O3'" "HO3'" sing N N 18  
DA  "C2'" "C1'"  sing N N 19  
DA  "C2'" "H2'"  sing N N 20  
DA  "C2'" "H2''" sing N N 21  
DA  "C1'" N9     sing N N 22  
DA  "C1'" "H1'"  sing N N 23  
DA  N9    C8     sing Y N 24  
DA  N9    C4     sing Y N 25  
DA  C8    N7     doub Y N 26  
DA  C8    H8     sing N N 27  
DA  N7    C5     sing Y N 28  
DA  C5    C6     sing Y N 29  
DA  C5    C4     doub Y N 30  
DA  C6    N6     sing N N 31  
DA  C6    N1     doub Y N 32  
DA  N6    H61    sing N N 33  
DA  N6    H62    sing N N 34  
DA  N1    C2     sing Y N 35  
DA  C2    N3     doub Y N 36  
DA  C2    H2     sing N N 37  
DA  N3    C4     sing Y N 38  
DC  OP3   P      sing N N 39  
DC  OP3   HOP3   sing N N 40  
DC  P     OP1    doub N N 41  
DC  P     OP2    sing N N 42  
DC  P     "O5'"  sing N N 43  
DC  OP2   HOP2   sing N N 44  
DC  "O5'" "C5'"  sing N N 45  
DC  "C5'" "C4'"  sing N N 46  
DC  "C5'" "H5'"  sing N N 47  
DC  "C5'" "H5''" sing N N 48  
DC  "C4'" "O4'"  sing N N 49  
DC  "C4'" "C3'"  sing N N 50  
DC  "C4'" "H4'"  sing N N 51  
DC  "O4'" "C1'"  sing N N 52  
DC  "C3'" "O3'"  sing N N 53  
DC  "C3'" "C2'"  sing N N 54  
DC  "C3'" "H3'"  sing N N 55  
DC  "O3'" "HO3'" sing N N 56  
DC  "C2'" "C1'"  sing N N 57  
DC  "C2'" "H2'"  sing N N 58  
DC  "C2'" "H2''" sing N N 59  
DC  "C1'" N1     sing N N 60  
DC  "C1'" "H1'"  sing N N 61  
DC  N1    C2     sing N N 62  
DC  N1    C6     sing N N 63  
DC  C2    O2     doub N N 64  
DC  C2    N3     sing N N 65  
DC  N3    C4     doub N N 66  
DC  C4    N4     sing N N 67  
DC  C4    C5     sing N N 68  
DC  N4    H41    sing N N 69  
DC  N4    H42    sing N N 70  
DC  C5    C6     doub N N 71  
DC  C5    H5     sing N N 72  
DC  C6    H6     sing N N 73  
DG  OP3   P      sing N N 74  
DG  OP3   HOP3   sing N N 75  
DG  P     OP1    doub N N 76  
DG  P     OP2    sing N N 77  
DG  P     "O5'"  sing N N 78  
DG  OP2   HOP2   sing N N 79  
DG  "O5'" "C5'"  sing N N 80  
DG  "C5'" "C4'"  sing N N 81  
DG  "C5'" "H5'"  sing N N 82  
DG  "C5'" "H5''" sing N N 83  
DG  "C4'" "O4'"  sing N N 84  
DG  "C4'" "C3'"  sing N N 85  
DG  "C4'" "H4'"  sing N N 86  
DG  "O4'" "C1'"  sing N N 87  
DG  "C3'" "O3'"  sing N N 88  
DG  "C3'" "C2'"  sing N N 89  
DG  "C3'" "H3'"  sing N N 90  
DG  "O3'" "HO3'" sing N N 91  
DG  "C2'" "C1'"  sing N N 92  
DG  "C2'" "H2'"  sing N N 93  
DG  "C2'" "H2''" sing N N 94  
DG  "C1'" N9     sing N N 95  
DG  "C1'" "H1'"  sing N N 96  
DG  N9    C8     sing Y N 97  
DG  N9    C4     sing Y N 98  
DG  C8    N7     doub Y N 99  
DG  C8    H8     sing N N 100 
DG  N7    C5     sing Y N 101 
DG  C5    C6     sing N N 102 
DG  C5    C4     doub Y N 103 
DG  C6    O6     doub N N 104 
DG  C6    N1     sing N N 105 
DG  N1    C2     sing N N 106 
DG  N1    H1     sing N N 107 
DG  C2    N2     sing N N 108 
DG  C2    N3     doub N N 109 
DG  N2    H21    sing N N 110 
DG  N2    H22    sing N N 111 
DG  N3    C4     sing N N 112 
DT  OP3   P      sing N N 113 
DT  OP3   HOP3   sing N N 114 
DT  P     OP1    doub N N 115 
DT  P     OP2    sing N N 116 
DT  P     "O5'"  sing N N 117 
DT  OP2   HOP2   sing N N 118 
DT  "O5'" "C5'"  sing N N 119 
DT  "C5'" "C4'"  sing N N 120 
DT  "C5'" "H5'"  sing N N 121 
DT  "C5'" "H5''" sing N N 122 
DT  "C4'" "O4'"  sing N N 123 
DT  "C4'" "C3'"  sing N N 124 
DT  "C4'" "H4'"  sing N N 125 
DT  "O4'" "C1'"  sing N N 126 
DT  "C3'" "O3'"  sing N N 127 
DT  "C3'" "C2'"  sing N N 128 
DT  "C3'" "H3'"  sing N N 129 
DT  "O3'" "HO3'" sing N N 130 
DT  "C2'" "C1'"  sing N N 131 
DT  "C2'" "H2'"  sing N N 132 
DT  "C2'" "H2''" sing N N 133 
DT  "C1'" N1     sing N N 134 
DT  "C1'" "H1'"  sing N N 135 
DT  N1    C2     sing N N 136 
DT  N1    C6     sing N N 137 
DT  C2    O2     doub N N 138 
DT  C2    N3     sing N N 139 
DT  N3    C4     sing N N 140 
DT  N3    H3     sing N N 141 
DT  C4    O4     doub N N 142 
DT  C4    C5     sing N N 143 
DT  C5    C7     sing N N 144 
DT  C5    C6     doub N N 145 
DT  C7    H71    sing N N 146 
DT  C7    H72    sing N N 147 
DT  C7    H73    sing N N 148 
DT  C6    H6     sing N N 149 
OHU P     "O5'"  sing N N 150 
OHU P     OP1    doub N N 151 
OHU P     OP2    sing N N 152 
OHU P     OP3    sing N N 153 
OHU N1    C2     sing N N 154 
OHU N1    C6     sing N N 155 
OHU N1    "C1'"  sing N N 156 
OHU C2    O2     doub N N 157 
OHU C2    N3     sing N N 158 
OHU N3    C4     sing N N 159 
OHU C4    O4     doub N N 160 
OHU C4    C5     sing N N 161 
OHU C5    O5     sing N N 162 
OHU C5    C6     doub N N 163 
OHU "C1'" "C2'"  sing N N 164 
OHU "C1'" "O4'"  sing N N 165 
OHU "C2'" "C3'"  sing N N 166 
OHU "C3'" "O3'"  sing N N 167 
OHU "C3'" "C4'"  sing N N 168 
OHU "C4'" "O4'"  sing N N 169 
OHU "C4'" "C5'"  sing N N 170 
OHU "C5'" "O5'"  sing N N 171 
OHU N3    HN3    sing N N 172 
OHU O5    HO5    sing N N 173 
OHU C6    H6     sing N N 174 
OHU "C1'" "H1'"  sing N N 175 
OHU "C2'" "H2'"  sing N N 176 
OHU "C2'" "H2'A" sing N N 177 
OHU "C3'" "H3'"  sing N N 178 
OHU "O3'" "HO3'" sing N N 179 
OHU "C4'" "H4'"  sing N N 180 
OHU "C5'" "H5'"  sing N N 181 
OHU "C5'" "H5'A" sing N N 182 
OHU OP2   HOP2   sing N N 183 
OHU OP3   HOP3   sing N N 184 
# 
loop_
_ndb_struct_conf_na.entry_id 
_ndb_struct_conf_na.feature 
7YGO 'double helix'        
7YGO 'a-form double helix' 
7YGO 'internal loop'       
# 
loop_
_ndb_struct_na_base_pair.model_number 
_ndb_struct_na_base_pair.i_label_asym_id 
_ndb_struct_na_base_pair.i_label_comp_id 
_ndb_struct_na_base_pair.i_label_seq_id 
_ndb_struct_na_base_pair.i_symmetry 
_ndb_struct_na_base_pair.j_label_asym_id 
_ndb_struct_na_base_pair.j_label_comp_id 
_ndb_struct_na_base_pair.j_label_seq_id 
_ndb_struct_na_base_pair.j_symmetry 
_ndb_struct_na_base_pair.shear 
_ndb_struct_na_base_pair.stretch 
_ndb_struct_na_base_pair.stagger 
_ndb_struct_na_base_pair.buckle 
_ndb_struct_na_base_pair.propeller 
_ndb_struct_na_base_pair.opening 
_ndb_struct_na_base_pair.pair_number 
_ndb_struct_na_base_pair.pair_name 
_ndb_struct_na_base_pair.i_auth_asym_id 
_ndb_struct_na_base_pair.i_auth_seq_id 
_ndb_struct_na_base_pair.i_PDB_ins_code 
_ndb_struct_na_base_pair.j_auth_asym_id 
_ndb_struct_na_base_pair.j_auth_seq_id 
_ndb_struct_na_base_pair.j_PDB_ins_code 
_ndb_struct_na_base_pair.hbond_type_28 
_ndb_struct_na_base_pair.hbond_type_12 
1 A DG 1 1_555 A DC 12 6_557 -0.683 0.022  0.182  -5.494  -8.728  6.884  1  A_DG1:DC12_A A 1 ? A 12 ? 19 1 
1 A DG 2 1_555 A DC 11 6_557 -0.613 -0.307 -0.474 -14.557 -17.232 2.402  2  A_DG2:DC11_A A 2 ? A 11 ? 19 1 
1 A DA 3 1_555 A DT 10 6_557 0.367  -0.265 -0.352 -8.987  -7.724  -4.169 3  A_DA3:DT10_A A 3 ? A 10 ? 20 1 
1 A DC 4 1_555 A DG 9  6_557 0.004  0.027  -0.048 8.695   -6.998  1.888  4  A_DC4:DG9_A  A 4 ? A 9  ? 19 1 
1 A DC 5 1_555 A DG 8  6_557 0.373  -0.429 -0.138 13.022  -5.355  1.361  5  A_DC5:DG8_A  A 5 ? A 8  ? 19 1 
1 A DG 1 6_557 A DC 12 1_555 -0.683 0.022  0.182  -5.494  -8.728  6.884  6  A_DG1:DC12_A A 1 ? A 12 ? 19 1 
1 A DG 2 6_557 A DC 11 1_555 -0.613 -0.307 -0.474 -14.557 -17.232 2.402  7  A_DG2:DC11_A A 2 ? A 11 ? 19 1 
1 A DA 3 6_557 A DT 10 1_555 0.367  -0.265 -0.352 -8.987  -7.724  -4.169 8  A_DA3:DT10_A A 3 ? A 10 ? 20 1 
1 A DC 4 6_557 A DG 9  1_555 0.004  0.027  -0.048 8.695   -6.998  1.888  9  A_DC4:DG9_A  A 4 ? A 9  ? 19 1 
1 A DC 5 6_557 A DG 8  1_555 0.373  -0.429 -0.138 13.022  -5.355  1.361  10 A_DC5:DG8_A  A 5 ? A 8  ? 19 1 
# 
loop_
_ndb_struct_na_base_pair_step.model_number 
_ndb_struct_na_base_pair_step.i_label_asym_id_1 
_ndb_struct_na_base_pair_step.i_label_comp_id_1 
_ndb_struct_na_base_pair_step.i_label_seq_id_1 
_ndb_struct_na_base_pair_step.i_symmetry_1 
_ndb_struct_na_base_pair_step.j_label_asym_id_1 
_ndb_struct_na_base_pair_step.j_label_comp_id_1 
_ndb_struct_na_base_pair_step.j_label_seq_id_1 
_ndb_struct_na_base_pair_step.j_symmetry_1 
_ndb_struct_na_base_pair_step.i_label_asym_id_2 
_ndb_struct_na_base_pair_step.i_label_comp_id_2 
_ndb_struct_na_base_pair_step.i_label_seq_id_2 
_ndb_struct_na_base_pair_step.i_symmetry_2 
_ndb_struct_na_base_pair_step.j_label_asym_id_2 
_ndb_struct_na_base_pair_step.j_label_comp_id_2 
_ndb_struct_na_base_pair_step.j_label_seq_id_2 
_ndb_struct_na_base_pair_step.j_symmetry_2 
_ndb_struct_na_base_pair_step.shift 
_ndb_struct_na_base_pair_step.slide 
_ndb_struct_na_base_pair_step.rise 
_ndb_struct_na_base_pair_step.tilt 
_ndb_struct_na_base_pair_step.roll 
_ndb_struct_na_base_pair_step.twist 
_ndb_struct_na_base_pair_step.x_displacement 
_ndb_struct_na_base_pair_step.y_displacement 
_ndb_struct_na_base_pair_step.helical_rise 
_ndb_struct_na_base_pair_step.inclination 
_ndb_struct_na_base_pair_step.tip 
_ndb_struct_na_base_pair_step.helical_twist 
_ndb_struct_na_base_pair_step.step_number 
_ndb_struct_na_base_pair_step.step_name 
_ndb_struct_na_base_pair_step.i_auth_asym_id_1 
_ndb_struct_na_base_pair_step.i_auth_seq_id_1 
_ndb_struct_na_base_pair_step.i_PDB_ins_code_1 
_ndb_struct_na_base_pair_step.j_auth_asym_id_1 
_ndb_struct_na_base_pair_step.j_auth_seq_id_1 
_ndb_struct_na_base_pair_step.j_PDB_ins_code_1 
_ndb_struct_na_base_pair_step.i_auth_asym_id_2 
_ndb_struct_na_base_pair_step.i_auth_seq_id_2 
_ndb_struct_na_base_pair_step.i_PDB_ins_code_2 
_ndb_struct_na_base_pair_step.j_auth_asym_id_2 
_ndb_struct_na_base_pair_step.j_auth_seq_id_2 
_ndb_struct_na_base_pair_step.j_PDB_ins_code_2 
1 A DG 1 1_555 A DC 12 6_557 A DG 2 1_555 A DC 11 6_557 0.079  -1.144 3.546 7.489  5.956  38.586 -2.421 0.810  3.299 8.848  
-11.126 39.711 1 AA_DG1DG2:DC11DC12_AA A 1 ? A 12 ? A 2 ? A 11 ? 
1 A DG 2 1_555 A DC 11 6_557 A DA 3 1_555 A DT 10 6_557 -0.496 -0.562 3.135 -0.169 3.671  37.572 -1.319 0.746  3.071 5.683  0.262 
37.745 2 AA_DG2DA3:DT10DC11_AA A 2 ? A 11 ? A 3 ? A 10 ? 
1 A DA 3 1_555 A DT 10 6_557 A DC 4 1_555 A DG 9  6_557 1.080  -1.320 2.886 -2.578 11.661 28.365 -4.304 -2.439 2.089 22.574 4.989 
30.729 3 AA_DA3DC4:DG9DT10_AA  A 3 ? A 10 ? A 4 ? A 9  ? 
1 A DC 4 1_555 A DG 9  6_557 A DC 5 1_555 A DG 8  6_557 -0.514 -1.735 3.193 -1.166 6.864  28.129 -4.861 0.791  2.720 13.856 2.353 
28.961 4 AA_DC4DC5:DG8DG9_AA   A 4 ? A 9  ? A 5 ? A 8  ? 
1 A DG 1 6_557 A DC 12 1_555 A DG 2 6_557 A DC 11 1_555 0.079  -1.144 3.546 7.489  5.956  38.586 -2.421 0.810  3.299 8.848  
-11.126 39.711 5 AA_DG1DG2:DC11DC12_AA A 1 ? A 12 ? A 2 ? A 11 ? 
1 A DG 2 6_557 A DC 11 1_555 A DA 3 6_557 A DT 10 1_555 -0.496 -0.562 3.135 -0.169 3.671  37.572 -1.319 0.746  3.071 5.683  0.262 
37.745 6 AA_DG2DA3:DT10DC11_AA A 2 ? A 11 ? A 3 ? A 10 ? 
1 A DA 3 6_557 A DT 10 1_555 A DC 4 6_557 A DG 9  1_555 1.080  -1.320 2.886 -2.578 11.661 28.365 -4.304 -2.439 2.089 22.574 4.989 
30.729 7 AA_DA3DC4:DG9DT10_AA  A 3 ? A 10 ? A 4 ? A 9  ? 
1 A DC 4 6_557 A DG 9  1_555 A DC 5 6_557 A DG 8  1_555 -0.514 -1.735 3.193 -1.166 6.864  28.129 -4.861 0.791  2.720 13.856 2.353 
28.961 8 AA_DC4DC5:DG8DG9_AA   A 4 ? A 9  ? A 5 ? A 8  ? 
# 
_pdbx_audit_support.funding_organization   'Japan Society for the Promotion of Science (JSPS)' 
_pdbx_audit_support.country                Japan 
_pdbx_audit_support.grant_number           18K19308 
_pdbx_audit_support.ordinal                1 
# 
_pdbx_entity_instance_feature.ordinal        1 
_pdbx_entity_instance_feature.comp_id        OHU 
_pdbx_entity_instance_feature.asym_id        ? 
_pdbx_entity_instance_feature.seq_num        ? 
_pdbx_entity_instance_feature.auth_comp_id   OHU 
_pdbx_entity_instance_feature.auth_asym_id   ? 
_pdbx_entity_instance_feature.auth_seq_num   ? 
_pdbx_entity_instance_feature.feature_type   'SUBJECT OF INVESTIGATION' 
_pdbx_entity_instance_feature.details        ? 
# 
_atom_sites.entry_id                    7YGO 
_atom_sites.Cartn_transf_matrix[1][1]   ? 
_atom_sites.Cartn_transf_matrix[1][2]   ? 
_atom_sites.Cartn_transf_matrix[1][3]   ? 
_atom_sites.Cartn_transf_matrix[2][1]   ? 
_atom_sites.Cartn_transf_matrix[2][2]   ? 
_atom_sites.Cartn_transf_matrix[2][3]   ? 
_atom_sites.Cartn_transf_matrix[3][1]   ? 
_atom_sites.Cartn_transf_matrix[3][2]   ? 
_atom_sites.Cartn_transf_matrix[3][3]   ? 
_atom_sites.Cartn_transf_vector[1]      ? 
_atom_sites.Cartn_transf_vector[2]      ? 
_atom_sites.Cartn_transf_vector[3]      ? 
_atom_sites.fract_transf_matrix[1][1]   0.00933243 
_atom_sites.fract_transf_matrix[1][2]   -0.00425188 
_atom_sites.fract_transf_matrix[1][3]   -0.02917782 
_atom_sites.fract_transf_matrix[2][1]   -0.02068697 
_atom_sites.fract_transf_matrix[2][2]   -0.00012553 
_atom_sites.fract_transf_matrix[2][3]   -0.02298941 
_atom_sites.fract_transf_matrix[3][1]   0.00206742 
_atom_sites.fract_transf_matrix[3][2]   0.01797784 
_atom_sites.fract_transf_matrix[3][3]   -0.00195853 
_atom_sites.fract_transf_vector[1]      0.012843 
_atom_sites.fract_transf_vector[2]      0.488284 
_atom_sites.fract_transf_vector[3]      1.202469 
_atom_sites.solution_primary            ? 
_atom_sites.solution_secondary          ? 
_atom_sites.solution_hydrogens          ? 
_atom_sites.special_details             ? 
# 
loop_
_atom_type.symbol 
C  
HG 
N  
O  
P  
# 
loop_
_atom_site.group_PDB 
_atom_site.id 
_atom_site.type_symbol 
_atom_site.label_atom_id 
_atom_site.label_alt_id 
_atom_site.label_comp_id 
_atom_site.label_asym_id 
_atom_site.label_entity_id 
_atom_site.label_seq_id 
_atom_site.pdbx_PDB_ins_code 
_atom_site.Cartn_x 
_atom_site.Cartn_y 
_atom_site.Cartn_z 
_atom_site.occupancy 
_atom_site.B_iso_or_equiv 
_atom_site.pdbx_formal_charge 
_atom_site.auth_seq_id 
_atom_site.auth_comp_id 
_atom_site.auth_asym_id 
_atom_site.auth_atom_id 
_atom_site.pdbx_PDB_model_num 
ATOM   1   O  "O5'" . DG  A 1 1  ? -1.748 -7.345  14.099  1.00 68.16 ? 1   DG  A "O5'" 1 
ATOM   2   C  "C5'" . DG  A 1 1  ? -0.598 -6.651  14.550  1.00 66.70 ? 1   DG  A "C5'" 1 
ATOM   3   C  "C4'" . DG  A 1 1  ? 0.651  -7.508  14.412  1.00 69.66 ? 1   DG  A "C4'" 1 
ATOM   4   O  "O4'" . DG  A 1 1  ? 0.332  -8.901  14.656  1.00 67.75 ? 1   DG  A "O4'" 1 
ATOM   5   C  "C3'" . DG  A 1 1  ? 1.287  -7.512  13.038  1.00 70.94 ? 1   DG  A "C3'" 1 
ATOM   6   O  "O3'" . DG  A 1 1  ? 2.105  -6.379  12.880  1.00 75.85 ? 1   DG  A "O3'" 1 
ATOM   7   C  "C2'" . DG  A 1 1  ? 2.116  -8.785  13.103  1.00 69.82 ? 1   DG  A "C2'" 1 
ATOM   8   C  "C1'" . DG  A 1 1  ? 1.151  -9.722  13.820  1.00 69.21 ? 1   DG  A "C1'" 1 
ATOM   9   N  N9    . DG  A 1 1  ? 0.286  -10.470 12.903  1.00 67.69 ? 1   DG  A N9    1 
ATOM   10  C  C8    . DG  A 1 1  ? -1.080 -10.363 12.786  1.00 66.45 ? 1   DG  A C8    1 
ATOM   11  N  N7    . DG  A 1 1  ? -1.586 -11.144 11.875  1.00 65.46 ? 1   DG  A N7    1 
ATOM   12  C  C5    . DG  A 1 1  ? -0.483 -11.807 11.346  1.00 66.56 ? 1   DG  A C5    1 
ATOM   13  C  C6    . DG  A 1 1  ? -0.415 -12.785 10.321  1.00 66.25 ? 1   DG  A C6    1 
ATOM   14  O  O6    . DG  A 1 1  ? -1.349 -13.275 9.668   1.00 65.23 ? 1   DG  A O6    1 
ATOM   15  N  N1    . DG  A 1 1  ? 0.898  -13.208 10.091  1.00 64.81 ? 1   DG  A N1    1 
ATOM   16  C  C2    . DG  A 1 1  ? 2.000  -12.749 10.771  1.00 67.49 ? 1   DG  A C2    1 
ATOM   17  N  N2    . DG  A 1 1  ? 3.178  -13.278 10.411  1.00 65.96 ? 1   DG  A N2    1 
ATOM   18  N  N3    . DG  A 1 1  ? 1.953  -11.814 11.726  1.00 68.19 ? 1   DG  A N3    1 
ATOM   19  C  C4    . DG  A 1 1  ? 0.679  -11.397 11.962  1.00 65.34 ? 1   DG  A C4    1 
ATOM   20  P  P     . DG  A 1 2  ? 2.194  -5.659  11.449  1.00 74.57 ? 2   DG  A P     1 
ATOM   21  O  OP1   . DG  A 1 2  ? 2.937  -4.401  11.632  1.00 75.34 ? 2   DG  A OP1   1 
ATOM   22  O  OP2   . DG  A 1 2  ? 0.820  -5.719  10.892  1.00 73.55 ? 2   DG  A OP2   1 
ATOM   23  O  "O5'" . DG  A 1 2  ? 3.128  -6.622  10.592  1.00 77.36 ? 2   DG  A "O5'" 1 
ATOM   24  C  "C5'" . DG  A 1 2  ? 4.482  -6.775  10.953  1.00 76.40 ? 2   DG  A "C5'" 1 
ATOM   25  C  "C4'" . DG  A 1 2  ? 5.120  -7.898  10.160  1.00 73.14 ? 2   DG  A "C4'" 1 
ATOM   26  O  "O4'" . DG  A 1 2  ? 4.396  -9.123  10.377  1.00 71.86 ? 2   DG  A "O4'" 1 
ATOM   27  C  "C3'" . DG  A 1 2  ? 5.090  -7.709  8.665   1.00 72.20 ? 2   DG  A "C3'" 1 
ATOM   28  O  "O3'" . DG  A 1 2  ? 6.155  -6.876  8.280   1.00 77.77 ? 2   DG  A "O3'" 1 
ATOM   29  C  "C2'" . DG  A 1 2  ? 5.285  -9.140  8.181   1.00 73.21 ? 2   DG  A "C2'" 1 
ATOM   30  C  "C1'" . DG  A 1 2  ? 4.407  -9.902  9.175   1.00 72.57 ? 2   DG  A "C1'" 1 
ATOM   31  N  N9    . DG  A 1 2  ? 3.013  -10.105 8.736   1.00 69.44 ? 2   DG  A N9    1 
ATOM   32  C  C8    . DG  A 1 2  ? 1.906  -9.375  9.127   1.00 69.49 ? 2   DG  A C8    1 
ATOM   33  N  N7    . DG  A 1 2  ? 0.788  -9.787  8.591   1.00 65.91 ? 2   DG  A N7    1 
ATOM   34  C  C5    . DG  A 1 2  ? 1.176  -10.856 7.787   1.00 65.64 ? 2   DG  A C5    1 
ATOM   35  C  C6    . DG  A 1 2  ? 0.401  -11.701 6.963   1.00 64.57 ? 2   DG  A C6    1 
ATOM   36  O  O6    . DG  A 1 2  ? -0.830 -11.687 6.774   1.00 65.97 ? 2   DG  A O6    1 
ATOM   37  N  N1    . DG  A 1 2  ? 1.181  -12.652 6.328   1.00 66.01 ? 2   DG  A N1    1 
ATOM   38  C  C2    . DG  A 1 2  ? 2.541  -12.776 6.472   1.00 67.00 ? 2   DG  A C2    1 
ATOM   39  N  N2    . DG  A 1 2  ? 3.114  -13.756 5.773   1.00 69.11 ? 2   DG  A N2    1 
ATOM   40  N  N3    . DG  A 1 2  ? 3.287  -11.992 7.234   1.00 67.62 ? 2   DG  A N3    1 
ATOM   41  C  C4    . DG  A 1 2  ? 2.541  -11.062 7.867   1.00 66.61 ? 2   DG  A C4    1 
ATOM   42  P  P     . DA  A 1 3  ? 6.054  -6.036  6.922   1.00 72.23 ? 3   DA  A P     1 
ATOM   43  O  OP1   . DA  A 1 3  ? 7.209  -5.126  6.861   1.00 74.76 ? 3   DA  A OP1   1 
ATOM   44  O  OP2   . DA  A 1 3  ? 4.680  -5.504  6.866   1.00 78.12 ? 3   DA  A OP2   1 
ATOM   45  O  "O5'" . DA  A 1 3  ? 6.169  -7.136  5.779   1.00 74.56 ? 3   DA  A "O5'" 1 
ATOM   46  C  "C5'" . DA  A 1 3  ? 7.380  -7.843  5.596   1.00 75.13 ? 3   DA  A "C5'" 1 
ATOM   47  C  "C4'" . DA  A 1 3  ? 7.202  -8.919  4.543   1.00 73.02 ? 3   DA  A "C4'" 1 
ATOM   48  O  "O4'" . DA  A 1 3  ? 6.293  -9.943  5.025   1.00 71.14 ? 3   DA  A "O4'" 1 
ATOM   49  C  "C3'" . DA  A 1 3  ? 6.575  -8.444  3.251   1.00 70.51 ? 3   DA  A "C3'" 1 
ATOM   50  O  "O3'" . DA  A 1 3  ? 7.557  -7.832  2.430   1.00 73.55 ? 3   DA  A "O3'" 1 
ATOM   51  C  "C2'" . DA  A 1 3  ? 6.081  -9.765  2.674   1.00 71.32 ? 3   DA  A "C2'" 1 
ATOM   52  C  "C1'" . DA  A 1 3  ? 5.510  -10.428 3.930   1.00 70.55 ? 3   DA  A "C1'" 1 
ATOM   53  N  N9    . DA  A 1 3  ? 4.110  -10.076 4.180   1.00 69.63 ? 3   DA  A N9    1 
ATOM   54  C  C8    . DA  A 1 3  ? 3.652  -9.042  4.943   1.00 66.97 ? 3   DA  A C8    1 
ATOM   55  N  N7    . DA  A 1 3  ? 2.343  -8.959  4.990   1.00 65.40 ? 3   DA  A N7    1 
ATOM   56  C  C5    . DA  A 1 3  ? 1.908  -10.013 4.206   1.00 65.63 ? 3   DA  A C5    1 
ATOM   57  C  C6    . DA  A 1 3  ? 0.621  -10.467 3.854   1.00 66.01 ? 3   DA  A C6    1 
ATOM   58  N  N6    . DA  A 1 3  ? -0.509 -9.890  4.278   1.00 66.54 ? 3   DA  A N6    1 
ATOM   59  N  N1    . DA  A 1 3  ? 0.536  -11.537 3.048   1.00 67.02 ? 3   DA  A N1    1 
ATOM   60  C  C2    . DA  A 1 3  ? 1.669  -12.124 2.636   1.00 67.32 ? 3   DA  A C2    1 
ATOM   61  N  N3    . DA  A 1 3  ? 2.932  -11.788 2.895   1.00 66.69 ? 3   DA  A N3    1 
ATOM   62  C  C4    . DA  A 1 3  ? 2.983  -10.714 3.695   1.00 67.66 ? 3   DA  A C4    1 
ATOM   63  P  P     . DC  A 1 4  ? 7.155  -6.604  1.481   1.00 78.27 ? 4   DC  A P     1 
ATOM   64  O  OP1   . DC  A 1 4  ? 8.389  -6.115  0.843   1.00 83.60 ? 4   DC  A OP1   1 
ATOM   65  O  OP2   . DC  A 1 4  ? 6.321  -5.657  2.255   1.00 75.95 ? 4   DC  A OP2   1 
ATOM   66  O  "O5'" . DC  A 1 4  ? 6.234  -7.290  0.377   1.00 74.87 ? 4   DC  A "O5'" 1 
ATOM   67  C  "C5'" . DC  A 1 4  ? 6.785  -8.252  -0.484  1.00 71.51 ? 4   DC  A "C5'" 1 
ATOM   68  C  "C4'" . DC  A 1 4  ? 5.689  -8.982  -1.234  1.00 70.30 ? 4   DC  A "C4'" 1 
ATOM   69  O  "O4'" . DC  A 1 4  ? 4.848  -9.674  -0.293  1.00 69.92 ? 4   DC  A "O4'" 1 
ATOM   70  C  "C3'" . DC  A 1 4  ? 4.712  -8.099  -2.000  1.00 72.75 ? 4   DC  A "C3'" 1 
ATOM   71  O  "O3'" . DC  A 1 4  ? 5.274  -7.698  -3.248  1.00 72.31 ? 4   DC  A "O3'" 1 
ATOM   72  C  "C2'" . DC  A 1 4  ? 3.551  -9.075  -2.184  1.00 71.98 ? 4   DC  A "C2'" 1 
ATOM   73  C  "C1'" . DC  A 1 4  ? 3.523  -9.753  -0.814  1.00 70.49 ? 4   DC  A "C1'" 1 
ATOM   74  N  N1    . DC  A 1 4  ? 2.561  -9.096  0.140   1.00 67.19 ? 4   DC  A N1    1 
ATOM   75  C  C2    . DC  A 1 4  ? 1.223  -9.477  0.114   1.00 67.64 ? 4   DC  A C2    1 
ATOM   76  O  O2    . DC  A 1 4  ? 0.865  -10.357 -0.681  1.00 72.37 ? 4   DC  A O2    1 
ATOM   77  N  N3    . DC  A 1 4  ? 0.354  -8.886  0.956   1.00 66.44 ? 4   DC  A N3    1 
ATOM   78  C  C4    . DC  A 1 4  ? 0.773  -7.937  1.794   1.00 65.80 ? 4   DC  A C4    1 
ATOM   79  N  N4    . DC  A 1 4  ? -0.135 -7.383  2.606   1.00 60.81 ? 4   DC  A N4    1 
ATOM   80  C  C5    . DC  A 1 4  ? 2.137  -7.528  1.841   1.00 66.06 ? 4   DC  A C5    1 
ATOM   81  C  C6    . DC  A 1 4  ? 2.990  -8.128  0.999   1.00 68.18 ? 4   DC  A C6    1 
ATOM   82  P  P     . DC  A 1 5  ? 4.654  -6.477  -4.082  1.00 73.87 ? 5   DC  A P     1 
ATOM   83  O  OP1   . DC  A 1 5  ? 5.516  -6.374  -5.278  1.00 81.72 ? 5   DC  A OP1   1 
ATOM   84  O  OP2   . DC  A 1 5  ? 4.455  -5.283  -3.233  1.00 71.30 ? 5   DC  A OP2   1 
ATOM   85  O  "O5'" . DC  A 1 5  ? 3.196  -6.993  -4.515  1.00 74.49 ? 5   DC  A "O5'" 1 
ATOM   86  C  "C5'" . DC  A 1 5  ? 3.059  -8.016  -5.473  1.00 69.01 ? 5   DC  A "C5'" 1 
ATOM   87  C  "C4'" . DC  A 1 5  ? 1.594  -8.301  -5.743  1.00 69.65 ? 5   DC  A "C4'" 1 
ATOM   88  O  "O4'" . DC  A 1 5  ? 0.982  -8.889  -4.573  1.00 72.70 ? 5   DC  A "O4'" 1 
ATOM   89  C  "C3'" . DC  A 1 5  ? 0.723  -7.092  -6.044  1.00 68.76 ? 5   DC  A "C3'" 1 
ATOM   90  O  "O3'" . DC  A 1 5  ? 0.870  -6.708  -7.411  1.00 68.94 ? 5   DC  A "O3'" 1 
ATOM   91  C  "C2'" . DC  A 1 5  ? -0.658 -7.682  -5.784  1.00 68.93 ? 5   DC  A "C2'" 1 
ATOM   92  C  "C1'" . DC  A 1 5  ? -0.400 -8.553  -4.546  1.00 68.95 ? 5   DC  A "C1'" 1 
ATOM   93  N  N1    . DC  A 1 5  ? -0.705 -7.833  -3.279  1.00 70.55 ? 5   DC  A N1    1 
ATOM   94  C  C2    . DC  A 1 5  ? -2.014 -7.818  -2.793  1.00 68.93 ? 5   DC  A C2    1 
ATOM   95  O  O2    . DC  A 1 5  ? -2.885 -8.442  -3.404  1.00 66.88 ? 5   DC  A O2    1 
ATOM   96  N  N3    . DC  A 1 5  ? -2.287 -7.119  -1.657  1.00 67.89 ? 5   DC  A N3    1 
ATOM   97  C  C4    . DC  A 1 5  ? -1.311 -6.458  -1.027  1.00 64.08 ? 5   DC  A C4    1 
ATOM   98  N  N4    . DC  A 1 5  ? -1.622 -5.801  0.084   1.00 62.57 ? 5   DC  A N4    1 
ATOM   99  C  C5    . DC  A 1 5  ? 0.025  -6.459  -1.506  1.00 64.70 ? 5   DC  A C5    1 
ATOM   100 C  C6    . DC  A 1 5  ? 0.283  -7.136  -2.631  1.00 69.15 ? 5   DC  A C6    1 
ATOM   101 P  P     . DT  A 1 6  ? 0.414  -5.261  -7.933  1.00 71.81 ? 6   DT  A P     1 
ATOM   102 O  OP1   . DT  A 1 6  ? 0.562  -5.292  -9.407  1.00 72.32 ? 6   DT  A OP1   1 
ATOM   103 O  OP2   . DT  A 1 6  ? 1.069  -4.223  -7.115  1.00 70.19 ? 6   DT  A OP2   1 
ATOM   104 O  "O5'" . DT  A 1 6  ? -1.150 -5.167  -7.609  1.00 68.81 ? 6   DT  A "O5'" 1 
ATOM   105 C  "C5'" . DT  A 1 6  ? -2.082 -5.753  -8.490  1.00 69.48 ? 6   DT  A "C5'" 1 
ATOM   106 C  "C4'" . DT  A 1 6  ? -3.498 -5.618  -7.956  1.00 67.69 ? 6   DT  A "C4'" 1 
ATOM   107 O  "O4'" . DT  A 1 6  ? -3.559 -6.139  -6.612  1.00 68.76 ? 6   DT  A "O4'" 1 
ATOM   108 C  "C3'" . DT  A 1 6  ? -3.995 -4.202  -7.800  1.00 72.38 ? 6   DT  A "C3'" 1 
ATOM   109 O  "O3'" . DT  A 1 6  ? -4.443 -3.693  -9.025  1.00 75.04 ? 6   DT  A "O3'" 1 
ATOM   110 C  "C2'" . DT  A 1 6  ? -5.142 -4.390  -6.824  1.00 69.71 ? 6   DT  A "C2'" 1 
ATOM   111 C  "C1'" . DT  A 1 6  ? -4.543 -5.412  -5.876  1.00 70.32 ? 6   DT  A "C1'" 1 
ATOM   112 N  N1    . DT  A 1 6  ? -3.910 -4.806  -4.661  1.00 69.66 ? 6   DT  A N1    1 
ATOM   113 C  C2    . DT  A 1 6  ? -4.699 -4.527  -3.572  1.00 69.47 ? 6   DT  A C2    1 
ATOM   114 O  O2    . DT  A 1 6  ? -5.899 -4.722  -3.532  1.00 69.93 ? 6   DT  A O2    1 
ATOM   115 N  N3    . DT  A 1 6  ? -4.035 -4.002  -2.521  1.00 72.49 ? 6   DT  A N3    1 
ATOM   116 C  C4    . DT  A 1 6  ? -2.696 -3.707  -2.418  1.00 69.68 ? 6   DT  A C4    1 
ATOM   117 O  O4    . DT  A 1 6  ? -2.213 -3.227  -1.406  1.00 67.62 ? 6   DT  A O4    1 
ATOM   118 C  C5    . DT  A 1 6  ? -1.909 -4.026  -3.575  1.00 69.83 ? 6   DT  A C5    1 
ATOM   119 C  C7    . DT  A 1 6  ? -0.434 -3.757  -3.572  1.00 67.96 ? 6   DT  A C7    1 
ATOM   120 C  C6    . DT  A 1 6  ? -2.544 -4.563  -4.637  1.00 69.74 ? 6   DT  A C6    1 
HETATM 121 P  P     . OHU A 1 7  ? -4.367 -2.116  -9.289  1.00 76.27 ? 7   OHU A P     1 
HETATM 122 N  N1    . OHU A 1 7  ? -6.317 -0.719  -4.651  1.00 78.99 ? 7   OHU A N1    1 
HETATM 123 C  C2    . OHU A 1 7  ? -6.232 -0.441  -3.298  1.00 78.62 ? 7   OHU A C2    1 
HETATM 124 O  O2    . OHU A 1 7  ? -7.166 -0.251  -2.532  1.00 79.25 ? 7   OHU A O2    1 
HETATM 125 N  N3    . OHU A 1 7  ? -4.965 -0.373  -2.830  1.00 76.51 ? 7   OHU A N3    1 
HETATM 126 C  C4    . OHU A 1 7  ? -3.772 -0.542  -3.497  1.00 77.45 ? 7   OHU A C4    1 
HETATM 127 O  O4    . OHU A 1 7  ? -2.674 -0.443  -2.941  1.00 77.39 ? 7   OHU A O4    1 
HETATM 128 C  C5    . OHU A 1 7  ? -3.915 -0.833  -4.894  1.00 76.51 ? 7   OHU A C5    1 
HETATM 129 O  O5    . OHU A 1 7  ? -2.766 -1.012  -5.654  1.00 77.09 ? 7   OHU A O5    1 
HETATM 130 C  C6    . OHU A 1 7  ? -5.159 -0.907  -5.392  1.00 76.21 ? 7   OHU A C6    1 
HETATM 131 C  "C1'" . OHU A 1 7  ? -7.661 -0.844  -5.351  1.00 78.68 ? 7   OHU A "C1'" 1 
HETATM 132 C  "C2'" . OHU A 1 7  ? -8.185 0.433   -5.999  1.00 81.60 ? 7   OHU A "C2'" 1 
HETATM 133 C  "C3'" . OHU A 1 7  ? -7.549 0.342   -7.384  1.00 81.54 ? 7   OHU A "C3'" 1 
HETATM 134 O  "O3'" . OHU A 1 7  ? -8.160 1.211   -8.352  1.00 79.10 ? 7   OHU A "O3'" 1 
HETATM 135 C  "C4'" . OHU A 1 7  ? -7.804 -1.115  -7.700  1.00 78.02 ? 7   OHU A "C4'" 1 
HETATM 136 O  "O4'" . OHU A 1 7  ? -7.531 -1.762  -6.434  1.00 77.90 ? 7   OHU A "O4'" 1 
HETATM 137 C  "C5'" . OHU A 1 7  ? -6.897 -1.700  -8.767  1.00 76.75 ? 7   OHU A "C5'" 1 
HETATM 138 O  "O5'" . OHU A 1 7  ? -5.546 -1.497  -8.386  1.00 73.46 ? 7   OHU A "O5'" 1 
HETATM 139 O  OP1   . OHU A 1 7  ? -4.718 -1.936  -10.717 1.00 81.93 ? 7   OHU A OP1   1 
HETATM 140 O  OP2   . OHU A 1 7  ? -3.107 -1.630  -8.694  1.00 70.58 ? 7   OHU A OP2   1 
ATOM   141 P  P     . DG  A 1 8  ? -7.545 2.665   -8.620  1.00 83.28 ? 8   DG  A P     1 
ATOM   142 O  OP1   . DG  A 1 8  ? -8.347 3.259   -9.713  1.00 87.55 ? 8   DG  A OP1   1 
ATOM   143 O  OP2   . DG  A 1 8  ? -6.074 2.558   -8.785  1.00 80.12 ? 8   DG  A OP2   1 
ATOM   144 O  "O5'" . DG  A 1 8  ? -7.846 3.449   -7.262  1.00 81.20 ? 8   DG  A "O5'" 1 
ATOM   145 C  "C5'" . DG  A 1 8  ? -9.183 3.798   -6.937  1.00 82.22 ? 8   DG  A "C5'" 1 
ATOM   146 C  "C4'" . DG  A 1 8  ? -9.247 4.524   -5.610  1.00 79.86 ? 8   DG  A "C4'" 1 
ATOM   147 O  "O4'" . DG  A 1 8  ? -8.905 3.608   -4.546  1.00 81.53 ? 8   DG  A "O4'" 1 
ATOM   148 C  "C3'" . DG  A 1 8  ? -8.274 5.671   -5.458  1.00 77.59 ? 8   DG  A "C3'" 1 
ATOM   149 O  "O3'" . DG  A 1 8  ? -8.842 6.850   -6.006  1.00 85.22 ? 8   DG  A "O3'" 1 
ATOM   150 C  "C2'" . DG  A 1 8  ? -8.164 5.778   -3.942  1.00 78.30 ? 8   DG  A "C2'" 1 
ATOM   151 C  "C1'" . DG  A 1 8  ? -8.243 4.316   -3.507  1.00 78.47 ? 8   DG  A "C1'" 1 
ATOM   152 N  N9    . DG  A 1 8  ? -6.926 3.719   -3.291  1.00 75.44 ? 8   DG  A N9    1 
ATOM   153 C  C8    . DG  A 1 8  ? -6.239 2.893   -4.147  1.00 76.79 ? 8   DG  A C8    1 
ATOM   154 N  N7    . DG  A 1 8  ? -5.067 2.535   -3.694  1.00 75.94 ? 8   DG  A N7    1 
ATOM   155 C  C5    . DG  A 1 8  ? -4.971 3.170   -2.464  1.00 74.46 ? 8   DG  A C5    1 
ATOM   156 C  C6    . DG  A 1 8  ? -3.929 3.149   -1.503  1.00 71.04 ? 8   DG  A C6    1 
ATOM   157 O  O6    . DG  A 1 8  ? -2.849 2.557   -1.552  1.00 69.77 ? 8   DG  A O6    1 
ATOM   158 N  N1    . DG  A 1 8  ? -4.240 3.922   -0.396  1.00 71.14 ? 8   DG  A N1    1 
ATOM   159 C  C2    . DG  A 1 8  ? -5.408 4.634   -0.236  1.00 71.98 ? 8   DG  A C2    1 
ATOM   160 N  N2    . DG  A 1 8  ? -5.522 5.331   0.906   1.00 70.46 ? 8   DG  A N2    1 
ATOM   161 N  N3    . DG  A 1 8  ? -6.394 4.660   -1.126  1.00 70.54 ? 8   DG  A N3    1 
ATOM   162 C  C4    . DG  A 1 8  ? -6.110 3.905   -2.206  1.00 72.53 ? 8   DG  A C4    1 
ATOM   163 P  P     . DG  A 1 9  ? -7.908 8.031   -6.584  1.00 87.50 ? 9   DG  A P     1 
ATOM   164 O  OP1   . DG  A 1 9  ? -8.863 9.097   -6.946  1.00 85.66 ? 9   DG  A OP1   1 
ATOM   165 O  OP2   . DG  A 1 9  ? -6.977 7.431   -7.582  1.00 78.78 ? 9   DG  A OP2   1 
ATOM   166 O  "O5'" . DG  A 1 9  ? -7.022 8.542   -5.339  1.00 73.54 ? 9   DG  A "O5'" 1 
ATOM   167 C  "C5'" . DG  A 1 9  ? -7.548 9.453   -4.418  1.00 75.77 ? 9   DG  A "C5'" 1 
ATOM   168 C  "C4'" . DG  A 1 9  ? -6.764 9.434   -3.116  1.00 74.22 ? 9   DG  A "C4'" 1 
ATOM   169 O  "O4'" . DG  A 1 9  ? -6.355 8.095   -2.808  1.00 74.84 ? 9   DG  A "O4'" 1 
ATOM   170 C  "C3'" . DG  A 1 9  ? -5.458 10.191  -3.111  1.00 74.12 ? 9   DG  A "C3'" 1 
ATOM   171 O  "O3'" . DG  A 1 9  ? -5.698 11.585  -2.943  1.00 75.65 ? 9   DG  A "O3'" 1 
ATOM   172 C  "C2'" . DG  A 1 9  ? -4.789 9.600   -1.866  1.00 73.83 ? 9   DG  A "C2'" 1 
ATOM   173 C  "C1'" . DG  A 1 9  ? -5.288 8.159   -1.874  1.00 71.53 ? 9   DG  A "C1'" 1 
ATOM   174 N  N9    . DG  A 1 9  ? -4.246 7.212   -2.262  1.00 74.09 ? 9   DG  A N9    1 
ATOM   175 C  C8    . DG  A 1 9  ? -4.150 6.510   -3.439  1.00 71.19 ? 9   DG  A C8    1 
ATOM   176 N  N7    . DG  A 1 9  ? -3.083 5.751   -3.500  1.00 72.89 ? 9   DG  A N7    1 
ATOM   177 C  C5    . DG  A 1 9  ? -2.435 5.973   -2.292  1.00 70.14 ? 9   DG  A C5    1 
ATOM   178 C  C6    . DG  A 1 9  ? -1.226 5.447   -1.796  1.00 68.73 ? 9   DG  A C6    1 
ATOM   179 O  O6    . DG  A 1 9  ? -0.466 4.633   -2.332  1.00 70.87 ? 9   DG  A O6    1 
ATOM   180 N  N1    . DG  A 1 9  ? -0.926 5.943   -0.527  1.00 68.61 ? 9   DG  A N1    1 
ATOM   181 C  C2    . DG  A 1 9  ? -1.693 6.841   0.163   1.00 67.83 ? 9   DG  A C2    1 
ATOM   182 N  N2    . DG  A 1 9  ? -1.240 7.205   1.368   1.00 69.25 ? 9   DG  A N2    1 
ATOM   183 N  N3    . DG  A 1 9  ? -2.819 7.348   -0.294  1.00 68.84 ? 9   DG  A N3    1 
ATOM   184 C  C4    . DG  A 1 9  ? -3.131 6.874   -1.523  1.00 72.24 ? 9   DG  A C4    1 
ATOM   185 P  P     . DT  A 1 10 ? -4.653 12.674  -3.499  1.00 72.03 ? 10  DT  A P     1 
ATOM   186 O  OP1   . DT  A 1 10 ? -5.409 13.929  -3.676  1.00 77.53 ? 10  DT  A OP1   1 
ATOM   187 O  OP2   . DT  A 1 10 ? -3.986 12.095  -4.681  1.00 75.48 ? 10  DT  A OP2   1 
ATOM   188 O  "O5'" . DT  A 1 10 ? -3.569 12.846  -2.330  1.00 69.29 ? 10  DT  A "O5'" 1 
ATOM   189 C  "C5'" . DT  A 1 10 ? -3.971 13.286  -1.041  1.00 74.35 ? 10  DT  A "C5'" 1 
ATOM   190 C  "C4'" . DT  A 1 10 ? -2.800 13.259  -0.064  1.00 74.77 ? 10  DT  A "C4'" 1 
ATOM   191 O  "O4'" . DT  A 1 10 ? -2.231 11.911  -0.003  1.00 71.80 ? 10  DT  A "O4'" 1 
ATOM   192 C  "C3'" . DT  A 1 10 ? -1.642 14.186  -0.430  1.00 74.28 ? 10  DT  A "C3'" 1 
ATOM   193 O  "O3'" . DT  A 1 10 ? -1.165 14.836  0.711   1.00 76.82 ? 10  DT  A "O3'" 1 
ATOM   194 C  "C2'" . DT  A 1 10 ? -0.588 13.232  -0.977  1.00 75.44 ? 10  DT  A "C2'" 1 
ATOM   195 C  "C1'" . DT  A 1 10 ? -0.827 11.998  -0.127  1.00 71.30 ? 10  DT  A "C1'" 1 
ATOM   196 N  N1    . DT  A 1 10 ? -0.360 10.785  -0.788  1.00 69.87 ? 10  DT  A N1    1 
ATOM   197 C  C2    . DT  A 1 10 ? 0.633  10.015  -0.217  1.00 69.80 ? 10  DT  A C2    1 
ATOM   198 O  O2    . DT  A 1 10 ? 1.168  10.267  0.851   1.00 70.90 ? 10  DT  A O2    1 
ATOM   199 N  N3    . DT  A 1 10 ? 0.971  8.912   -0.940  1.00 69.55 ? 10  DT  A N3    1 
ATOM   200 C  C4    . DT  A 1 10 ? 0.451  8.513   -2.148  1.00 67.22 ? 10  DT  A C4    1 
ATOM   201 O  O4    . DT  A 1 10 ? 0.839  7.501   -2.714  1.00 68.89 ? 10  DT  A O4    1 
ATOM   202 C  C5    . DT  A 1 10 ? -0.572 9.371   -2.694  1.00 68.59 ? 10  DT  A C5    1 
ATOM   203 C  C7    . DT  A 1 10 ? -1.218 9.053   -4.003  1.00 68.17 ? 10  DT  A C7    1 
ATOM   204 C  C6    . DT  A 1 10 ? -0.918 10.452  -1.998  1.00 71.13 ? 10  DT  A C6    1 
ATOM   205 P  P     . DC  A 1 11 ? -0.382 16.230  0.562   1.00 83.33 ? 11  DC  A P     1 
ATOM   206 O  OP1   . DC  A 1 11 ? -0.869 17.053  1.697   1.00 79.62 ? 11  DC  A OP1   1 
ATOM   207 O  OP2   . DC  A 1 11 ? -0.549 16.696  -0.834  1.00 76.32 ? 11  DC  A OP2   1 
ATOM   208 O  "O5'" . DC  A 1 11 ? 1.160  15.841  0.791   1.00 77.64 ? 11  DC  A "O5'" 1 
ATOM   209 C  "C5'" . DC  A 1 11 ? 1.541  15.142  1.971   1.00 75.04 ? 11  DC  A "C5'" 1 
ATOM   210 C  "C4'" . DC  A 1 11 ? 2.872  14.437  1.782   1.00 76.31 ? 11  DC  A "C4'" 1 
ATOM   211 O  "O4'" . DC  A 1 11 ? 2.692  13.238  0.980   1.00 74.22 ? 11  DC  A "O4'" 1 
ATOM   212 C  "C3'" . DC  A 1 11 ? 3.963  15.261  1.079   1.00 76.37 ? 11  DC  A "C3'" 1 
ATOM   213 O  "O3'" . DC  A 1 11 ? 5.103  15.359  1.920   1.00 80.29 ? 11  DC  A "O3'" 1 
ATOM   214 C  "C2'" . DC  A 1 11 ? 4.283  14.458  -0.187  1.00 76.15 ? 11  DC  A "C2'" 1 
ATOM   215 C  "C1'" . DC  A 1 11 ? 3.848  13.051  0.200   1.00 73.73 ? 11  DC  A "C1'" 1 
ATOM   216 N  N1    . DC  A 1 11 ? 3.501  12.196  -0.983  1.00 70.38 ? 11  DC  A N1    1 
ATOM   217 C  C2    . DC  A 1 11 ? 4.099  10.944  -1.141  1.00 68.63 ? 11  DC  A C2    1 
ATOM   218 O  O2    . DC  A 1 11 ? 4.911  10.553  -0.298  1.00 72.21 ? 11  DC  A O2    1 
ATOM   219 N  N3    . DC  A 1 11 ? 3.778  10.192  -2.217  1.00 66.46 ? 11  DC  A N3    1 
ATOM   220 C  C4    . DC  A 1 11 ? 2.900  10.648  -3.109  1.00 67.39 ? 11  DC  A C4    1 
ATOM   221 N  N4    . DC  A 1 11 ? 2.613  9.866   -4.155  1.00 65.15 ? 11  DC  A N4    1 
ATOM   222 C  C5    . DC  A 1 11 ? 2.279  11.923  -2.970  1.00 69.10 ? 11  DC  A C5    1 
ATOM   223 C  C6    . DC  A 1 11 ? 2.610  12.658  -1.905  1.00 69.99 ? 11  DC  A C6    1 
ATOM   224 P  P     . DC  A 1 12 ? 6.321  16.340  1.545   1.00 92.16 ? 12  DC  A P     1 
ATOM   225 O  OP1   . DC  A 1 12 ? 6.845  16.836  2.840   1.00 91.97 ? 12  DC  A OP1   1 
ATOM   226 O  OP2   . DC  A 1 12 ? 5.886  17.327  0.515   1.00 83.44 ? 12  DC  A OP2   1 
ATOM   227 O  "O5'" . DC  A 1 12 ? 7.410  15.355  0.884   1.00 83.04 ? 12  DC  A "O5'" 1 
ATOM   228 C  "C5'" . DC  A 1 12 ? 8.020  14.308  1.673   1.00 82.23 ? 12  DC  A "C5'" 1 
ATOM   229 C  "C4'" . DC  A 1 12 ? 9.132  13.614  0.888   1.00 80.07 ? 12  DC  A "C4'" 1 
ATOM   230 O  "O4'" . DC  A 1 12 ? 8.607  12.425  0.250   1.00 77.51 ? 12  DC  A "O4'" 1 
ATOM   231 C  "C3'" . DC  A 1 12 ? 9.715  14.443  -0.241  1.00 80.59 ? 12  DC  A "C3'" 1 
ATOM   232 O  "O3'" . DC  A 1 12 ? 10.797 15.228  0.241   1.00 92.14 ? 12  DC  A "O3'" 1 
ATOM   233 C  "C2'" . DC  A 1 12 ? 10.202 13.393  -1.224  1.00 78.61 ? 12  DC  A "C2'" 1 
ATOM   234 C  "C1'" . DC  A 1 12 ? 9.211  12.248  -1.022  1.00 76.03 ? 12  DC  A "C1'" 1 
ATOM   235 N  N1    . DC  A 1 12 ? 8.140  12.178  -2.078  1.00 72.55 ? 12  DC  A N1    1 
ATOM   236 C  C2    . DC  A 1 12 ? 8.179  11.154  -3.028  1.00 70.75 ? 12  DC  A C2    1 
ATOM   237 O  O2    . DC  A 1 12 ? 9.101  10.323  -2.982  1.00 70.27 ? 12  DC  A O2    1 
ATOM   238 N  N3    . DC  A 1 12 ? 7.207  11.094  -3.976  1.00 67.24 ? 12  DC  A N3    1 
ATOM   239 C  C4    . DC  A 1 12 ? 6.238  11.997  -3.994  1.00 67.24 ? 12  DC  A C4    1 
ATOM   240 N  N4    . DC  A 1 12 ? 5.307  11.888  -4.945  1.00 67.60 ? 12  DC  A N4    1 
ATOM   241 C  C5    . DC  A 1 12 ? 6.176  13.054  -3.038  1.00 70.56 ? 12  DC  A C5    1 
ATOM   242 C  C6    . DC  A 1 12 ? 7.137  13.105  -2.103  1.00 72.56 ? 12  DC  A C6    1 
HETATM 243 HG HG    . HG  B 2 .  ? -4.715 -3.180  -0.791  0.52 81.86 ? 101 HG  A HG    1 
# 
